data_7F9A
#
_entry.id   7F9A
#
_cell.length_a   70.740
_cell.length_b   105.920
_cell.length_c   145.380
_cell.angle_alpha   90.000
_cell.angle_beta   90.000
_cell.angle_gamma   90.000
#
_symmetry.space_group_name_H-M   'P 21 21 21'
#
loop_
_entity.id
_entity.type
_entity.pdbx_description
1 polymer 'Bifunctional glutamate/proline--tRNA ligase'
2 non-polymer 4-[(3S)-3-cyclopropyl-3-(hydroxymethyl)-2-oxidanylidene-pyrrolidin-1-yl]-N-[[3-fluoranyl-5-(1-methylpyrazol-4-yl)phenyl]methyl]-6-methyl-pyridine-2-carboxamide
3 non-polymer 'ZINC ION'
4 non-polymer 'CALCIUM ION'
5 non-polymer 'CHLORIDE ION'
6 non-polymer PROLINE
7 water water
#
_entity_poly.entity_id   1
_entity_poly.type   'polypeptide(L)'
_entity_poly.pdbx_seq_one_letter_code
;PKKQTRLGLEAKKEENLADWYSQVITKSEMIEYHDISGCYILRPWAYAIWEAIKDFFDAEIKKLGVENCYFPMFVSQSAL
EKEKTHVADFAPEVAWVTRSGKTELAEPIAIRPTSETVMYPAYAKWVQSHRDLPIKLNQWCNVVRWEFKHPQPFLRTREF
LWQEGHSAFATMEEAAEEVLQILDLYAQVYEELLAIPVVKGRKTEKEKFAGGDYTTTIEAFISASGRAIQGGTSHHLGQN
FSKMFEIVFEDPKIPGEKQFAYQNSWGLTTRTIGVMTMVHGDNMGLVLPPRVACVQVVIIPCGITNALSEEDKEALIAKC
NDYRRRLLSVNIRVRADLRDNYSPGWKFNHWELKGVPIRLEVGPRDMKSCQFVAVRRDTGEKLTVAENEAETKLQAILED
IQVTLFTRASEDLKTHMVVANTMEDFQKILDSGKIVQIPFCGEIDCEDWIKKTTARDQDLEPGAPSMGAKSLCIPFKPLC
ELQPGAKCVCGKNPAKYYTLFGRSY
;
_entity_poly.pdbx_strand_id   A,B
#
loop_
_chem_comp.id
_chem_comp.type
_chem_comp.name
_chem_comp.formula
1XK non-polymer 4-[(3S)-3-cyclopropyl-3-(hydroxymethyl)-2-oxidanylidene-pyrrolidin-1-yl]-N-[[3-fluoranyl-5-(1-methylpyrazol-4-yl)phenyl]methyl]-6-methyl-pyridine-2-carboxamide 'C26 H28 F N5 O3'
CA non-polymer 'CALCIUM ION' 'Ca 2'
CL non-polymer 'CHLORIDE ION' 'Cl -1'
ZN non-polymer 'ZINC ION' 'Zn 2'
#
# COMPACT_ATOMS: atom_id res chain seq x y z
N LEU A 7 -11.76 -33.62 6.79
CA LEU A 7 -11.46 -33.16 5.44
C LEU A 7 -11.72 -31.64 5.30
N GLY A 8 -12.80 -31.31 4.58
CA GLY A 8 -13.11 -29.93 4.24
C GLY A 8 -14.02 -29.22 5.21
N LEU A 9 -14.70 -28.18 4.70
CA LEU A 9 -15.70 -27.47 5.47
C LEU A 9 -16.78 -28.42 5.94
N GLU A 10 -17.15 -28.31 7.22
CA GLU A 10 -18.31 -29.01 7.73
C GLU A 10 -19.33 -28.06 8.34
N ALA A 11 -18.96 -26.81 8.59
CA ALA A 11 -19.94 -25.80 8.95
C ALA A 11 -20.82 -25.49 7.74
N LYS A 12 -22.13 -25.31 7.99
CA LYS A 12 -23.12 -25.13 6.93
C LYS A 12 -23.68 -23.71 6.99
N LYS A 13 -23.72 -23.05 5.82
CA LYS A 13 -23.95 -21.61 5.76
C LYS A 13 -25.37 -21.23 6.21
N GLU A 14 -26.36 -22.06 5.90
CA GLU A 14 -27.77 -21.74 6.19
C GLU A 14 -28.17 -22.07 7.62
N GLU A 15 -27.25 -22.62 8.41
CA GLU A 15 -27.50 -22.92 9.82
C GLU A 15 -26.95 -21.82 10.73
N ASN A 16 -25.62 -21.80 10.94
CA ASN A 16 -25.00 -20.78 11.78
C ASN A 16 -24.05 -19.98 10.90
N LEU A 17 -24.55 -18.83 10.43
CA LEU A 17 -23.81 -18.01 9.49
C LEU A 17 -22.49 -17.54 10.08
N ALA A 18 -22.49 -17.13 11.35
CA ALA A 18 -21.30 -16.57 11.97
C ALA A 18 -20.18 -17.59 12.06
N ASP A 19 -20.52 -18.82 12.47
CA ASP A 19 -19.50 -19.86 12.57
C ASP A 19 -19.05 -20.32 11.18
N TRP A 20 -19.97 -20.45 10.23
CA TRP A 20 -19.60 -20.71 8.84
C TRP A 20 -18.61 -19.66 8.33
N TYR A 21 -18.91 -18.39 8.58
CA TYR A 21 -18.06 -17.29 8.11
C TYR A 21 -16.66 -17.42 8.70
N SER A 22 -16.58 -17.65 10.01
CA SER A 22 -15.28 -17.78 10.67
C SER A 22 -14.50 -18.99 10.14
N GLN A 23 -15.19 -20.14 9.99
CA GLN A 23 -14.54 -21.32 9.43
C GLN A 23 -14.04 -21.07 8.01
N VAL A 24 -14.85 -20.42 7.17
CA VAL A 24 -14.45 -20.21 5.79
C VAL A 24 -13.24 -19.29 5.71
N ILE A 25 -13.28 -18.19 6.46
CA ILE A 25 -12.18 -17.24 6.30
C ILE A 25 -10.91 -17.79 6.89
N THR A 26 -10.99 -18.75 7.82
CA THR A 26 -9.73 -19.28 8.33
C THR A 26 -9.22 -20.48 7.53
N LYS A 27 -10.12 -21.41 7.14
CA LYS A 27 -9.69 -22.58 6.39
C LYS A 27 -9.31 -22.22 4.96
N SER A 28 -9.84 -21.13 4.42
CA SER A 28 -9.34 -20.64 3.15
C SER A 28 -8.02 -19.91 3.28
N GLU A 29 -7.49 -19.79 4.50
CA GLU A 29 -6.19 -19.16 4.77
C GLU A 29 -6.20 -17.69 4.41
N MET A 30 -7.37 -17.06 4.55
CA MET A 30 -7.56 -15.64 4.33
C MET A 30 -7.27 -14.83 5.59
N ILE A 31 -7.76 -15.29 6.74
CA ILE A 31 -7.67 -14.54 7.99
C ILE A 31 -6.98 -15.41 9.03
N GLU A 32 -6.16 -14.77 9.87
CA GLU A 32 -5.73 -15.39 11.11
C GLU A 32 -6.03 -14.43 12.27
N TYR A 33 -6.40 -14.99 13.41
CA TYR A 33 -6.72 -14.18 14.57
C TYR A 33 -5.47 -13.68 15.26
N HIS A 34 -5.47 -12.41 15.59
CA HIS A 34 -4.40 -11.77 16.34
C HIS A 34 -4.75 -11.85 17.83
N ASP A 35 -3.74 -11.70 18.68
CA ASP A 35 -3.99 -11.81 20.13
C ASP A 35 -4.67 -10.59 20.72
N ILE A 36 -4.97 -9.59 19.91
CA ILE A 36 -5.77 -8.43 20.33
C ILE A 36 -7.12 -8.53 19.63
N SER A 37 -8.19 -8.37 20.43
CA SER A 37 -9.56 -8.44 19.94
C SER A 37 -9.83 -7.43 18.84
N GLY A 38 -10.47 -7.90 17.76
CA GLY A 38 -10.82 -7.04 16.65
C GLY A 38 -9.65 -6.71 15.78
N CYS A 39 -8.51 -7.35 15.97
CA CYS A 39 -7.36 -7.23 15.11
C CYS A 39 -7.20 -8.52 14.37
N TYR A 40 -7.14 -8.47 13.03
CA TYR A 40 -7.09 -9.65 12.21
C TYR A 40 -5.94 -9.55 11.22
N ILE A 41 -5.29 -10.68 11.01
CA ILE A 41 -4.17 -10.79 10.08
C ILE A 41 -4.74 -11.12 8.72
N LEU A 42 -4.37 -10.30 7.72
CA LEU A 42 -4.67 -10.55 6.30
C LEU A 42 -3.56 -11.39 5.69
N ARG A 43 -3.81 -12.67 5.51
CA ARG A 43 -2.84 -13.57 4.91
C ARG A 43 -2.82 -13.34 3.40
N PRO A 44 -1.80 -13.84 2.69
CA PRO A 44 -1.70 -13.57 1.25
C PRO A 44 -2.97 -13.84 0.45
N TRP A 45 -3.73 -14.90 0.75
CA TRP A 45 -4.88 -15.19 -0.10
C TRP A 45 -5.90 -14.05 -0.10
N ALA A 46 -6.07 -13.36 1.04
CA ALA A 46 -6.96 -12.19 1.08
C ALA A 46 -6.29 -10.92 0.54
N TYR A 47 -5.02 -10.71 0.93
CA TYR A 47 -4.33 -9.50 0.51
C TYR A 47 -4.26 -9.40 -1.01
N ALA A 48 -4.08 -10.53 -1.70
CA ALA A 48 -4.06 -10.48 -3.16
C ALA A 48 -5.39 -9.99 -3.75
N ILE A 49 -6.52 -10.28 -3.10
CA ILE A 49 -7.78 -9.71 -3.58
C ILE A 49 -7.79 -8.21 -3.43
N TRP A 50 -7.40 -7.73 -2.26
CA TRP A 50 -7.24 -6.27 -2.08
C TRP A 50 -6.34 -5.69 -3.18
N GLU A 51 -5.28 -6.39 -3.54
CA GLU A 51 -4.35 -5.89 -4.53
C GLU A 51 -5.00 -5.82 -5.91
N ALA A 52 -5.88 -6.79 -6.21
CA ALA A 52 -6.60 -6.76 -7.49
C ALA A 52 -7.53 -5.55 -7.54
N ILE A 53 -8.22 -5.30 -6.41
CA ILE A 53 -9.06 -4.11 -6.29
C ILE A 53 -8.21 -2.85 -6.48
N LYS A 54 -7.06 -2.82 -5.79
CA LYS A 54 -6.17 -1.66 -5.82
C LYS A 54 -5.73 -1.35 -7.24
N ASP A 55 -5.25 -2.37 -7.96
CA ASP A 55 -4.76 -2.19 -9.32
C ASP A 55 -5.83 -1.57 -10.20
N PHE A 56 -7.06 -2.10 -10.12
CA PHE A 56 -8.12 -1.55 -10.94
C PHE A 56 -8.47 -0.11 -10.57
N PHE A 57 -8.69 0.15 -9.27
CA PHE A 57 -9.17 1.46 -8.84
C PHE A 57 -8.09 2.53 -9.04
N ASP A 58 -6.85 2.17 -8.76
CA ASP A 58 -5.73 3.07 -8.96
C ASP A 58 -5.67 3.53 -10.40
N ALA A 59 -5.71 2.57 -11.35
CA ALA A 59 -5.71 2.96 -12.76
C ALA A 59 -6.87 3.91 -13.09
N GLU A 60 -8.06 3.61 -12.59
CA GLU A 60 -9.22 4.42 -12.93
C GLU A 60 -9.11 5.86 -12.37
N ILE A 61 -8.73 6.01 -11.10
CA ILE A 61 -8.67 7.37 -10.58
C ILE A 61 -7.49 8.13 -11.16
N LYS A 62 -6.44 7.43 -11.58
CA LYS A 62 -5.34 8.12 -12.26
C LYS A 62 -5.84 8.76 -13.52
N LYS A 63 -6.75 8.06 -14.23
CA LYS A 63 -7.37 8.68 -15.40
C LYS A 63 -8.12 9.97 -15.06
N LEU A 64 -8.68 10.08 -13.86
CA LEU A 64 -9.41 11.28 -13.48
C LEU A 64 -8.50 12.42 -13.01
N GLY A 65 -7.19 12.24 -12.99
CA GLY A 65 -6.33 13.27 -12.46
C GLY A 65 -5.97 13.13 -11.00
N VAL A 66 -6.43 12.07 -10.32
CA VAL A 66 -6.06 11.88 -8.92
C VAL A 66 -4.64 11.31 -8.82
N GLU A 67 -3.91 11.75 -7.79
CA GLU A 67 -2.54 11.34 -7.55
C GLU A 67 -2.39 10.77 -6.15
N ASN A 68 -1.53 9.74 -6.00
CA ASN A 68 -1.34 9.09 -4.71
C ASN A 68 -0.31 9.83 -3.85
N CYS A 69 -0.48 9.75 -2.54
CA CYS A 69 0.41 10.41 -1.60
C CYS A 69 0.25 9.78 -0.23
N TYR A 70 1.12 10.15 0.71
CA TYR A 70 1.04 9.58 2.05
C TYR A 70 1.19 10.66 3.13
N PHE A 71 0.11 10.84 3.91
CA PHE A 71 -0.02 11.76 5.03
C PHE A 71 0.20 11.04 6.35
N PRO A 72 0.59 11.79 7.39
CA PRO A 72 0.87 11.15 8.68
C PRO A 72 -0.36 10.46 9.26
N MET A 73 -0.09 9.43 10.05
CA MET A 73 -1.12 8.66 10.75
C MET A 73 -1.61 9.33 12.03
N PHE A 74 -0.97 10.42 12.48
CA PHE A 74 -1.34 11.11 13.71
C PHE A 74 -1.97 12.47 13.43
N VAL A 75 -2.84 12.89 14.33
CA VAL A 75 -3.52 14.19 14.31
C VAL A 75 -3.28 14.87 15.63
N SER A 76 -3.13 16.18 15.59
CA SER A 76 -3.08 16.95 16.82
C SER A 76 -4.49 17.17 17.35
N GLN A 77 -4.59 17.37 18.67
CA GLN A 77 -5.89 17.67 19.24
C GLN A 77 -6.48 18.94 18.65
N SER A 78 -5.64 19.95 18.43
CA SER A 78 -6.09 21.19 17.80
C SER A 78 -6.74 20.94 16.43
N ALA A 79 -6.01 20.27 15.51
CA ALA A 79 -6.59 20.01 14.19
C ALA A 79 -7.82 19.11 14.28
N LEU A 80 -7.81 18.13 15.18
CA LEU A 80 -8.90 17.14 15.22
C LEU A 80 -10.24 17.80 15.53
N GLU A 81 -10.24 18.94 16.20
CA GLU A 81 -11.46 19.52 16.71
C GLU A 81 -11.93 20.76 15.96
N LYS A 82 -11.41 21.02 14.75
CA LYS A 82 -11.79 22.25 14.08
C LYS A 82 -13.15 22.16 13.38
N GLU A 83 -13.59 20.96 12.98
CA GLU A 83 -14.92 20.78 12.38
C GLU A 83 -15.77 20.05 13.42
N LYS A 84 -16.67 20.80 14.06
CA LYS A 84 -17.26 20.32 15.30
C LYS A 84 -18.18 19.12 15.07
N THR A 85 -18.96 19.13 13.99
CA THR A 85 -19.82 17.99 13.66
C THR A 85 -19.01 16.70 13.50
N HIS A 86 -17.98 16.78 12.66
CA HIS A 86 -17.08 15.66 12.38
C HIS A 86 -16.48 15.07 13.65
N VAL A 87 -15.86 15.90 14.48
CA VAL A 87 -15.23 15.39 15.70
C VAL A 87 -16.28 14.87 16.67
N ALA A 88 -17.45 15.53 16.75
CA ALA A 88 -18.49 15.02 17.64
C ALA A 88 -18.87 13.60 17.26
N ASP A 89 -18.86 13.30 15.95
CA ASP A 89 -19.19 11.93 15.52
C ASP A 89 -18.05 10.96 15.83
N PHE A 90 -16.79 11.37 15.58
CA PHE A 90 -15.71 10.40 15.63
C PHE A 90 -15.00 10.30 16.99
N ALA A 91 -15.25 11.23 17.92
CA ALA A 91 -14.39 11.34 19.09
C ALA A 91 -14.43 10.12 20.01
N PRO A 92 -15.59 9.50 20.30
CA PRO A 92 -15.57 8.33 21.21
C PRO A 92 -14.70 7.17 20.74
N GLU A 93 -14.38 7.06 19.44
CA GLU A 93 -13.63 5.92 18.94
C GLU A 93 -12.25 6.30 18.41
N VAL A 94 -11.73 7.47 18.79
CA VAL A 94 -10.38 7.87 18.41
C VAL A 94 -9.38 7.33 19.42
N ALA A 95 -8.40 6.58 18.92
CA ALA A 95 -7.35 6.04 19.78
C ALA A 95 -6.27 7.09 20.03
N TRP A 96 -5.81 7.21 21.27
CA TRP A 96 -4.85 8.26 21.65
C TRP A 96 -3.54 7.65 22.12
N VAL A 97 -2.44 8.12 21.53
CA VAL A 97 -1.10 7.84 22.00
C VAL A 97 -0.71 8.91 23.02
N THR A 98 -0.25 8.48 24.20
CA THR A 98 0.06 9.42 25.26
C THR A 98 1.49 9.34 25.78
N ARG A 99 2.25 8.32 25.39
CA ARG A 99 3.64 8.22 25.83
C ARG A 99 4.46 7.46 24.80
N SER A 100 5.78 7.58 24.95
CA SER A 100 6.76 6.87 24.13
C SER A 100 7.77 6.28 25.10
N GLY A 101 7.96 4.97 25.04
CA GLY A 101 8.57 4.32 26.19
C GLY A 101 7.74 4.63 27.42
N LYS A 102 8.41 5.04 28.50
CA LYS A 102 7.71 5.52 29.69
C LYS A 102 7.59 7.04 29.72
N THR A 103 8.03 7.73 28.67
CA THR A 103 8.15 9.19 28.63
C THR A 103 6.86 9.79 28.07
N GLU A 104 6.17 10.58 28.89
CA GLU A 104 4.96 11.24 28.42
C GLU A 104 5.25 12.16 27.23
N LEU A 105 4.31 12.21 26.28
CA LEU A 105 4.51 13.04 25.11
C LEU A 105 4.34 14.52 25.44
N ALA A 106 4.83 15.36 24.54
CA ALA A 106 4.54 16.79 24.64
C ALA A 106 3.02 17.04 24.71
N GLU A 107 2.25 16.35 23.86
CA GLU A 107 0.80 16.48 23.76
C GLU A 107 0.32 15.10 23.35
N PRO A 108 -0.80 14.61 23.90
CA PRO A 108 -1.40 13.40 23.31
C PRO A 108 -1.70 13.65 21.85
N ILE A 109 -1.49 12.63 21.03
CA ILE A 109 -1.81 12.72 19.62
C ILE A 109 -2.71 11.56 19.24
N ALA A 110 -3.58 11.79 18.28
CA ALA A 110 -4.62 10.85 17.88
C ALA A 110 -4.18 10.03 16.67
N ILE A 111 -4.56 8.77 16.66
CA ILE A 111 -4.45 7.97 15.42
C ILE A 111 -5.65 8.30 14.54
N ARG A 112 -5.37 8.52 13.24
CA ARG A 112 -6.42 8.90 12.29
C ARG A 112 -7.55 7.87 12.29
N PRO A 113 -8.80 8.30 12.53
CA PRO A 113 -9.95 7.45 12.17
C PRO A 113 -10.30 7.67 10.70
N THR A 114 -9.87 8.82 10.19
CA THR A 114 -10.09 9.30 8.83
C THR A 114 -9.23 10.55 8.72
N SER A 115 -8.89 10.98 7.50
CA SER A 115 -7.75 11.90 7.38
C SER A 115 -8.11 13.34 7.00
N GLU A 116 -9.39 13.69 6.94
CA GLU A 116 -9.79 15.08 6.74
C GLU A 116 -8.94 16.03 7.59
N THR A 117 -8.90 15.78 8.90
CA THR A 117 -8.26 16.71 9.83
C THR A 117 -6.74 16.65 9.81
N VAL A 118 -6.17 15.61 9.19
CA VAL A 118 -4.73 15.52 8.94
C VAL A 118 -4.36 16.31 7.70
N MET A 119 -5.17 16.14 6.64
CA MET A 119 -4.81 16.64 5.32
C MET A 119 -5.16 18.10 5.12
N TYR A 120 -6.23 18.60 5.75
CA TYR A 120 -6.74 19.89 5.29
C TYR A 120 -5.93 21.12 5.73
N PRO A 121 -5.17 21.09 6.84
CA PRO A 121 -4.23 22.20 7.06
C PRO A 121 -3.17 22.30 5.96
N ALA A 122 -2.79 21.14 5.39
CA ALA A 122 -1.86 21.15 4.27
C ALA A 122 -2.50 21.75 3.02
N TYR A 123 -3.75 21.35 2.69
CA TYR A 123 -4.47 21.99 1.60
C TYR A 123 -4.53 23.49 1.78
N ALA A 124 -4.77 23.95 3.02
CA ALA A 124 -4.85 25.39 3.23
C ALA A 124 -3.53 26.08 2.88
N LYS A 125 -2.39 25.42 3.17
CA LYS A 125 -1.11 25.98 2.73
C LYS A 125 -1.00 25.99 1.21
N TRP A 126 -1.37 24.89 0.56
CA TRP A 126 -1.07 24.73 -0.86
C TRP A 126 -1.96 25.57 -1.76
N VAL A 127 -3.02 26.12 -1.23
CA VAL A 127 -3.92 26.88 -2.02
C VAL A 127 -3.85 28.35 -1.78
N GLN A 128 -3.38 29.07 -2.76
CA GLN A 128 -3.32 30.49 -2.63
C GLN A 128 -4.05 31.15 -3.76
N SER A 129 -3.88 30.61 -4.93
CA SER A 129 -4.51 31.19 -6.04
C SER A 129 -5.47 30.26 -6.69
N HIS A 130 -6.35 30.79 -7.51
CA HIS A 130 -7.33 29.93 -8.16
CA HIS A 130 -7.33 29.97 -8.21
C HIS A 130 -6.67 28.89 -9.06
N ARG A 131 -5.42 29.11 -9.48
CA ARG A 131 -4.75 28.10 -10.30
C ARG A 131 -4.11 26.99 -9.47
N ASP A 132 -4.12 27.09 -8.14
CA ASP A 132 -3.67 25.97 -7.32
C ASP A 132 -4.73 24.89 -7.18
N LEU A 133 -5.95 25.11 -7.66
CA LEU A 133 -7.06 24.16 -7.64
C LEU A 133 -7.36 23.64 -9.05
N PRO A 134 -7.82 22.38 -9.20
CA PRO A 134 -8.14 21.42 -8.14
C PRO A 134 -6.94 20.78 -7.46
N ILE A 135 -7.17 20.29 -6.25
CA ILE A 135 -6.26 19.38 -5.58
C ILE A 135 -6.97 18.03 -5.49
N LYS A 136 -6.34 16.98 -6.00
CA LYS A 136 -6.95 15.64 -6.01
C LYS A 136 -5.91 14.63 -5.53
N LEU A 137 -6.00 14.25 -4.26
CA LEU A 137 -5.08 13.31 -3.66
C LEU A 137 -5.82 12.07 -3.17
N ASN A 138 -5.11 10.93 -3.17
CA ASN A 138 -5.62 9.68 -2.66
C ASN A 138 -4.51 9.04 -1.86
N GLN A 139 -4.88 8.22 -0.88
CA GLN A 139 -3.87 7.41 -0.25
C GLN A 139 -4.42 6.06 0.17
N TRP A 140 -3.58 5.04 0.02
CA TRP A 140 -3.82 3.69 0.51
C TRP A 140 -3.11 3.56 1.85
N CYS A 141 -3.89 3.33 2.90
CA CYS A 141 -3.33 3.32 4.25
C CYS A 141 -4.31 2.60 5.16
N ASN A 142 -3.96 2.51 6.44
CA ASN A 142 -4.80 1.96 7.48
C ASN A 142 -5.41 3.09 8.30
N VAL A 143 -6.63 2.87 8.79
CA VAL A 143 -7.20 3.74 9.80
C VAL A 143 -7.67 2.89 10.98
N VAL A 144 -7.96 3.57 12.09
CA VAL A 144 -8.28 2.94 13.35
C VAL A 144 -9.54 3.58 13.87
N ARG A 145 -10.58 2.77 14.10
CA ARG A 145 -11.82 3.25 14.72
C ARG A 145 -12.13 2.31 15.88
N TRP A 146 -11.82 2.75 17.11
CA TRP A 146 -11.76 1.88 18.28
C TRP A 146 -13.11 1.79 18.99
N GLU A 147 -14.08 1.21 18.28
CA GLU A 147 -15.38 0.94 18.86
C GLU A 147 -15.29 -0.26 19.81
N PHE A 148 -16.17 -0.28 20.81
CA PHE A 148 -16.20 -1.37 21.76
C PHE A 148 -17.30 -2.37 21.49
N LYS A 149 -17.99 -2.22 20.36
CA LYS A 149 -18.96 -3.22 19.92
C LYS A 149 -18.22 -4.42 19.33
N HIS A 150 -18.97 -5.49 19.08
CA HIS A 150 -18.37 -6.76 18.68
C HIS A 150 -17.88 -6.70 17.24
N PRO A 151 -16.59 -6.98 16.99
CA PRO A 151 -16.06 -6.88 15.63
C PRO A 151 -16.36 -8.13 14.83
N GLN A 152 -16.28 -7.99 13.51
CA GLN A 152 -16.43 -9.10 12.59
C GLN A 152 -15.36 -8.91 11.50
N PRO A 153 -14.54 -9.92 11.26
CA PRO A 153 -13.47 -9.79 10.26
C PRO A 153 -13.98 -9.26 8.93
N PHE A 154 -13.16 -8.41 8.31
CA PHE A 154 -13.43 -7.70 7.07
C PHE A 154 -14.56 -6.68 7.18
N LEU A 155 -15.72 -7.07 7.76
CA LEU A 155 -16.91 -6.20 7.71
C LEU A 155 -16.85 -5.06 8.72
N ARG A 156 -16.40 -5.31 9.95
CA ARG A 156 -16.50 -4.29 10.99
C ARG A 156 -15.33 -4.50 11.95
N THR A 157 -14.25 -3.73 11.77
CA THR A 157 -13.03 -3.97 12.53
C THR A 157 -12.45 -2.65 13.02
N ARG A 158 -11.63 -2.74 14.07
CA ARG A 158 -11.04 -1.56 14.70
C ARG A 158 -9.91 -1.00 13.86
N GLU A 159 -9.09 -1.84 13.24
CA GLU A 159 -8.11 -1.38 12.26
C GLU A 159 -8.50 -1.92 10.89
N PHE A 160 -8.46 -1.08 9.87
CA PHE A 160 -8.66 -1.66 8.55
C PHE A 160 -7.85 -0.91 7.52
N LEU A 161 -7.60 -1.61 6.40
CA LEU A 161 -6.96 -1.03 5.22
C LEU A 161 -8.01 -0.37 4.33
N TRP A 162 -7.65 0.77 3.77
CA TRP A 162 -8.58 1.44 2.88
C TRP A 162 -7.84 2.32 1.89
N GLN A 163 -8.63 2.87 0.99
CA GLN A 163 -8.26 3.99 0.17
C GLN A 163 -9.13 5.15 0.61
N GLU A 164 -8.54 6.33 0.77
CA GLU A 164 -9.32 7.55 0.94
C GLU A 164 -8.83 8.65 -0.02
N GLY A 165 -9.80 9.20 -0.75
CA GLY A 165 -9.59 10.27 -1.71
C GLY A 165 -10.14 11.56 -1.18
N HIS A 166 -9.42 12.65 -1.46
CA HIS A 166 -9.75 13.97 -0.98
C HIS A 166 -9.47 14.98 -2.07
N SER A 167 -10.53 15.63 -2.53
CA SER A 167 -10.45 16.59 -3.62
C SER A 167 -11.04 17.89 -3.21
N ALA A 168 -10.45 18.97 -3.75
CA ALA A 168 -10.79 20.36 -3.47
C ALA A 168 -10.85 21.13 -4.78
N PHE A 169 -11.93 21.87 -5.01
CA PHE A 169 -12.25 22.48 -6.28
C PHE A 169 -12.65 23.93 -6.07
N ALA A 170 -12.48 24.72 -7.11
CA ALA A 170 -12.92 26.11 -7.06
C ALA A 170 -14.43 26.27 -7.16
N THR A 171 -15.14 25.31 -7.79
CA THR A 171 -16.56 25.45 -8.09
C THR A 171 -17.34 24.24 -7.61
N MET A 172 -18.60 24.45 -7.25
CA MET A 172 -19.39 23.31 -6.82
C MET A 172 -19.67 22.34 -7.97
N GLU A 173 -19.76 22.86 -9.20
CA GLU A 173 -20.04 21.99 -10.35
C GLU A 173 -19.01 20.86 -10.46
N GLU A 174 -17.72 21.21 -10.37
CA GLU A 174 -16.65 20.23 -10.53
C GLU A 174 -16.70 19.18 -9.43
N ALA A 175 -16.87 19.65 -8.19
CA ALA A 175 -16.93 18.73 -7.06
C ALA A 175 -18.10 17.76 -7.22
N ALA A 176 -19.28 18.31 -7.50
CA ALA A 176 -20.47 17.49 -7.72
C ALA A 176 -20.20 16.43 -8.76
N GLU A 177 -19.59 16.81 -9.88
CA GLU A 177 -19.26 15.83 -10.92
C GLU A 177 -18.40 14.69 -10.40
N GLU A 178 -17.38 15.02 -9.61
CA GLU A 178 -16.48 13.97 -9.13
C GLU A 178 -17.19 12.97 -8.22
N VAL A 179 -18.05 13.47 -7.33
CA VAL A 179 -18.72 12.58 -6.36
C VAL A 179 -19.32 11.36 -7.07
N LEU A 180 -20.04 11.62 -8.17
CA LEU A 180 -20.72 10.58 -8.91
C LEU A 180 -19.76 9.75 -9.74
N GLN A 181 -18.69 10.36 -10.29
CA GLN A 181 -17.73 9.54 -11.02
C GLN A 181 -17.08 8.51 -10.11
N ILE A 182 -16.70 8.94 -8.90
CA ILE A 182 -16.11 8.01 -7.95
C ILE A 182 -17.14 6.94 -7.55
N LEU A 183 -18.38 7.35 -7.28
CA LEU A 183 -19.37 6.34 -6.90
C LEU A 183 -19.55 5.30 -8.01
N ASP A 184 -19.54 5.75 -9.26
CA ASP A 184 -19.61 4.82 -10.37
C ASP A 184 -18.45 3.84 -10.36
N LEU A 185 -17.25 4.32 -10.01
CA LEU A 185 -16.12 3.40 -9.92
C LEU A 185 -16.32 2.39 -8.80
N TYR A 186 -16.85 2.83 -7.66
CA TYR A 186 -17.12 1.88 -6.57
C TYR A 186 -18.13 0.82 -7.03
N ALA A 187 -19.13 1.23 -7.80
CA ALA A 187 -20.08 0.25 -8.30
C ALA A 187 -19.39 -0.69 -9.27
N GLN A 188 -18.41 -0.19 -10.03
CA GLN A 188 -17.69 -1.10 -10.93
C GLN A 188 -16.84 -2.08 -10.13
N VAL A 189 -16.22 -1.62 -9.05
CA VAL A 189 -15.48 -2.57 -8.21
C VAL A 189 -16.40 -3.68 -7.76
N TYR A 190 -17.60 -3.34 -7.27
CA TYR A 190 -18.44 -4.40 -6.73
C TYR A 190 -19.02 -5.30 -7.82
N GLU A 191 -19.43 -4.70 -8.94
CA GLU A 191 -20.21 -5.40 -9.94
C GLU A 191 -19.34 -6.07 -11.01
N GLU A 192 -18.29 -5.39 -11.48
CA GLU A 192 -17.43 -5.97 -12.51
C GLU A 192 -16.34 -6.87 -11.94
N LEU A 193 -15.76 -6.50 -10.79
CA LEU A 193 -14.69 -7.30 -10.21
C LEU A 193 -15.19 -8.39 -9.27
N LEU A 194 -16.01 -8.01 -8.29
CA LEU A 194 -16.46 -8.91 -7.24
C LEU A 194 -17.76 -9.62 -7.58
N ALA A 195 -18.39 -9.27 -8.70
CA ALA A 195 -19.64 -9.91 -9.16
C ALA A 195 -20.77 -9.78 -8.13
N ILE A 196 -20.85 -8.62 -7.51
CA ILE A 196 -21.84 -8.30 -6.48
C ILE A 196 -22.67 -7.13 -7.01
N PRO A 197 -23.99 -7.27 -7.14
CA PRO A 197 -24.83 -6.13 -7.54
C PRO A 197 -25.03 -5.18 -6.39
N VAL A 198 -25.14 -3.88 -6.71
CA VAL A 198 -25.29 -2.86 -5.68
C VAL A 198 -26.36 -1.87 -6.09
N VAL A 199 -26.88 -1.16 -5.09
CA VAL A 199 -27.84 -0.09 -5.32
C VAL A 199 -27.16 1.23 -5.00
N LYS A 200 -27.13 2.12 -5.98
CA LYS A 200 -26.56 3.44 -5.77
C LYS A 200 -27.61 4.40 -5.24
N GLY A 201 -27.20 5.26 -4.32
CA GLY A 201 -28.18 6.17 -3.75
C GLY A 201 -27.54 7.24 -2.91
N ARG A 202 -28.37 8.10 -2.36
CA ARG A 202 -27.93 9.13 -1.42
C ARG A 202 -28.32 8.70 -0.01
N LYS A 203 -27.41 8.90 0.94
CA LYS A 203 -27.71 8.63 2.35
C LYS A 203 -28.74 9.63 2.87
N THR A 204 -29.63 9.17 3.76
CA THR A 204 -30.53 10.10 4.41
C THR A 204 -29.75 11.06 5.31
N GLU A 205 -30.46 12.12 5.74
CA GLU A 205 -29.89 13.07 6.69
C GLU A 205 -29.33 12.38 7.91
N LYS A 206 -30.03 11.36 8.43
CA LYS A 206 -29.55 10.68 9.62
C LYS A 206 -28.20 10.00 9.37
N GLU A 207 -28.01 9.42 8.20
CA GLU A 207 -26.91 8.49 7.99
C GLU A 207 -25.74 9.13 7.23
N LYS A 208 -25.83 10.40 6.86
CA LYS A 208 -24.79 11.02 6.05
C LYS A 208 -23.54 11.31 6.89
N PHE A 209 -22.42 11.47 6.20
CA PHE A 209 -21.14 11.71 6.85
C PHE A 209 -21.22 12.97 7.70
N ALA A 210 -20.79 12.86 8.95
CA ALA A 210 -20.89 14.01 9.85
C ALA A 210 -19.93 15.10 9.38
N GLY A 211 -20.48 16.29 9.12
CA GLY A 211 -19.73 17.41 8.58
C GLY A 211 -19.74 17.51 7.07
N GLY A 212 -20.45 16.63 6.39
CA GLY A 212 -20.58 16.68 4.95
C GLY A 212 -21.85 17.39 4.53
N ASP A 213 -21.87 17.77 3.25
CA ASP A 213 -23.10 18.29 2.67
C ASP A 213 -24.07 17.15 2.38
N TYR A 214 -23.62 16.19 1.59
CA TYR A 214 -24.40 14.98 1.37
C TYR A 214 -23.44 13.83 1.11
N THR A 215 -23.94 12.62 1.28
CA THR A 215 -23.16 11.41 1.14
C THR A 215 -23.85 10.52 0.13
N THR A 216 -23.09 9.97 -0.83
CA THR A 216 -23.62 8.97 -1.74
C THR A 216 -22.99 7.62 -1.43
N THR A 217 -23.73 6.56 -1.77
CA THR A 217 -23.38 5.23 -1.29
C THR A 217 -23.78 4.16 -2.29
N ILE A 218 -23.17 2.99 -2.12
CA ILE A 218 -23.58 1.76 -2.77
C ILE A 218 -23.92 0.76 -1.68
N GLU A 219 -25.09 0.13 -1.81
CA GLU A 219 -25.56 -0.83 -0.80
C GLU A 219 -25.62 -2.20 -1.43
N ALA A 220 -25.09 -3.20 -0.73
CA ALA A 220 -25.14 -4.59 -1.17
C ALA A 220 -26.05 -5.39 -0.25
N PHE A 221 -26.59 -6.48 -0.78
CA PHE A 221 -27.50 -7.33 -0.03
C PHE A 221 -26.89 -8.70 0.22
N ILE A 222 -26.97 -9.17 1.47
CA ILE A 222 -26.45 -10.46 1.90
C ILE A 222 -27.64 -11.40 2.13
N SER A 223 -27.99 -12.22 1.13
CA SER A 223 -29.23 -13.00 1.23
C SER A 223 -29.22 -13.94 2.42
N ALA A 224 -28.06 -14.53 2.75
CA ALA A 224 -27.98 -15.43 3.89
C ALA A 224 -28.47 -14.77 5.17
N SER A 225 -28.20 -13.46 5.33
CA SER A 225 -28.63 -12.69 6.50
C SER A 225 -30.02 -12.10 6.33
N GLY A 226 -30.43 -11.74 5.12
CA GLY A 226 -31.47 -10.77 4.95
C GLY A 226 -31.04 -9.34 5.20
N ARG A 227 -29.76 -9.10 5.49
CA ARG A 227 -29.25 -7.79 5.85
C ARG A 227 -28.52 -7.15 4.68
N ALA A 228 -28.48 -5.83 4.66
CA ALA A 228 -27.75 -5.07 3.66
C ALA A 228 -26.55 -4.42 4.32
N ILE A 229 -25.59 -4.02 3.49
CA ILE A 229 -24.36 -3.46 4.03
C ILE A 229 -23.86 -2.38 3.06
N GLN A 230 -23.35 -1.30 3.62
CA GLN A 230 -22.78 -0.21 2.85
C GLN A 230 -21.40 -0.62 2.34
N GLY A 231 -21.24 -0.69 1.03
CA GLY A 231 -19.99 -1.17 0.47
C GLY A 231 -18.95 -0.10 0.17
N GLY A 232 -19.35 1.16 0.09
CA GLY A 232 -18.42 2.22 -0.29
C GLY A 232 -19.16 3.55 -0.27
N THR A 233 -18.38 4.64 -0.25
CA THR A 233 -18.99 5.91 0.07
C THR A 233 -18.28 7.08 -0.60
N SER A 234 -19.08 8.02 -1.12
CA SER A 234 -18.57 9.21 -1.80
C SER A 234 -19.31 10.42 -1.28
N HIS A 235 -18.60 11.28 -0.51
CA HIS A 235 -19.20 12.44 0.14
C HIS A 235 -18.91 13.73 -0.61
N HIS A 236 -19.88 14.62 -0.62
CA HIS A 236 -19.63 16.00 -0.95
C HIS A 236 -19.55 16.74 0.37
N LEU A 237 -18.36 17.24 0.70
CA LEU A 237 -18.22 17.97 1.95
C LEU A 237 -18.61 19.42 1.80
N GLY A 238 -18.75 19.89 0.56
CA GLY A 238 -19.14 21.28 0.41
C GLY A 238 -18.02 22.18 0.89
N GLN A 239 -18.39 23.24 1.61
CA GLN A 239 -17.41 24.18 2.18
C GLN A 239 -17.29 24.04 3.68
N ASN A 240 -17.82 22.96 4.26
CA ASN A 240 -17.86 22.85 5.71
C ASN A 240 -16.47 22.66 6.31
N PHE A 241 -15.56 22.02 5.57
CA PHE A 241 -14.20 21.89 6.06
C PHE A 241 -13.29 23.03 5.63
N SER A 242 -13.51 23.59 4.43
CA SER A 242 -12.66 24.69 3.96
C SER A 242 -12.86 25.95 4.80
N LYS A 243 -14.09 26.18 5.26
CA LYS A 243 -14.32 27.31 6.15
C LYS A 243 -13.65 27.12 7.51
N MET A 244 -13.55 25.89 8.00
CA MET A 244 -12.93 25.65 9.29
C MET A 244 -11.42 25.55 9.24
N PHE A 245 -10.86 25.15 8.10
CA PHE A 245 -9.41 25.02 7.95
C PHE A 245 -8.80 26.15 7.12
N GLU A 246 -9.61 27.14 6.71
CA GLU A 246 -9.17 28.29 5.92
C GLU A 246 -8.55 27.87 4.59
N ILE A 247 -9.24 26.98 3.86
CA ILE A 247 -8.83 26.62 2.50
C ILE A 247 -9.47 27.67 1.58
N VAL A 248 -8.75 28.77 1.34
CA VAL A 248 -9.28 29.95 0.67
C VAL A 248 -8.39 30.30 -0.53
N PHE A 249 -9.00 30.78 -1.60
CA PHE A 249 -8.28 31.40 -2.70
C PHE A 249 -8.95 32.72 -3.04
N GLU A 250 -8.27 33.54 -3.82
CA GLU A 250 -8.85 34.75 -4.38
C GLU A 250 -8.83 34.63 -5.91
N ASP A 251 -9.98 34.94 -6.54
CA ASP A 251 -10.17 34.98 -7.99
C ASP A 251 -10.19 36.42 -8.46
N PRO A 252 -9.48 36.80 -9.51
CA PRO A 252 -9.61 38.19 -10.01
C PRO A 252 -11.01 38.55 -10.50
N LYS A 253 -11.79 37.55 -10.93
CA LYS A 253 -13.20 37.80 -11.23
C LYS A 253 -13.95 38.40 -10.03
N ILE A 254 -13.68 37.90 -8.83
CA ILE A 254 -14.31 38.41 -7.60
C ILE A 254 -13.26 39.12 -6.75
N PRO A 255 -12.79 40.30 -7.14
CA PRO A 255 -11.62 40.89 -6.45
C PRO A 255 -11.86 41.12 -4.97
N GLY A 256 -10.80 40.92 -4.19
CA GLY A 256 -10.76 41.14 -2.75
C GLY A 256 -11.33 40.05 -1.85
N GLU A 257 -12.39 39.40 -2.28
CA GLU A 257 -13.11 38.42 -1.45
CA GLU A 257 -13.09 38.44 -1.43
C GLU A 257 -12.41 37.07 -1.49
N LYS A 258 -12.17 36.50 -0.31
CA LYS A 258 -11.59 35.17 -0.21
C LYS A 258 -12.70 34.13 -0.32
N GLN A 259 -12.48 33.12 -1.16
CA GLN A 259 -13.47 32.09 -1.47
C GLN A 259 -13.01 30.74 -0.94
N PHE A 260 -13.96 30.00 -0.38
CA PHE A 260 -13.67 28.70 0.22
C PHE A 260 -13.82 27.60 -0.82
N ALA A 261 -12.87 26.66 -0.82
CA ALA A 261 -12.88 25.55 -1.75
C ALA A 261 -14.06 24.61 -1.48
N TYR A 262 -14.54 23.96 -2.53
CA TYR A 262 -15.56 22.92 -2.44
C TYR A 262 -14.87 21.57 -2.41
N GLN A 263 -15.26 20.70 -1.49
CA GLN A 263 -14.48 19.49 -1.24
C GLN A 263 -15.33 18.23 -1.24
N ASN A 264 -14.68 17.14 -1.63
CA ASN A 264 -15.16 15.76 -1.51
C ASN A 264 -14.13 14.91 -0.79
N SER A 265 -14.62 13.83 -0.18
CA SER A 265 -13.80 12.72 0.24
C SER A 265 -14.55 11.43 -0.08
N TRP A 266 -13.79 10.36 -0.30
CA TRP A 266 -14.42 9.10 -0.69
C TRP A 266 -13.54 7.94 -0.27
N GLY A 267 -14.18 6.84 0.10
CA GLY A 267 -13.47 5.77 0.75
C GLY A 267 -13.97 4.39 0.44
N LEU A 268 -13.03 3.44 0.40
CA LEU A 268 -13.35 2.04 0.12
C LEU A 268 -12.41 1.16 0.91
N THR A 269 -12.93 0.13 1.57
CA THR A 269 -12.10 -0.64 2.47
C THR A 269 -12.11 -2.13 2.11
N THR A 270 -11.36 -2.91 2.90
CA THR A 270 -11.32 -4.35 2.79
C THR A 270 -12.64 -5.00 3.23
N ARG A 271 -13.63 -4.21 3.66
CA ARG A 271 -14.99 -4.73 3.81
C ARG A 271 -15.45 -5.42 2.52
N THR A 272 -15.01 -4.90 1.36
CA THR A 272 -15.23 -5.56 0.06
C THR A 272 -15.05 -7.08 0.14
N ILE A 273 -13.94 -7.53 0.74
CA ILE A 273 -13.61 -8.95 0.74
C ILE A 273 -14.60 -9.74 1.58
N GLY A 274 -15.09 -9.15 2.66
CA GLY A 274 -16.09 -9.82 3.48
C GLY A 274 -17.38 -9.97 2.71
N VAL A 275 -17.77 -8.94 1.93
CA VAL A 275 -19.05 -9.00 1.23
C VAL A 275 -18.99 -10.06 0.14
N MET A 276 -17.87 -10.12 -0.58
CA MET A 276 -17.66 -11.20 -1.53
C MET A 276 -17.72 -12.56 -0.87
N THR A 277 -17.15 -12.68 0.33
CA THR A 277 -17.24 -13.94 1.07
C THR A 277 -18.69 -14.26 1.39
N MET A 278 -19.45 -13.26 1.85
CA MET A 278 -20.82 -13.53 2.30
C MET A 278 -21.73 -13.82 1.13
N VAL A 279 -21.51 -13.15 0.00
CA VAL A 279 -22.42 -13.28 -1.12
C VAL A 279 -22.18 -14.60 -1.85
N HIS A 280 -20.94 -14.92 -2.17
CA HIS A 280 -20.66 -16.03 -3.07
C HIS A 280 -20.26 -17.32 -2.38
N GLY A 281 -19.88 -17.31 -1.10
CA GLY A 281 -19.39 -18.54 -0.47
C GLY A 281 -20.49 -19.57 -0.31
N ASP A 282 -20.11 -20.84 -0.28
CA ASP A 282 -21.09 -21.93 -0.16
C ASP A 282 -20.57 -22.92 0.87
N ASN A 283 -21.21 -24.10 0.95
CA ASN A 283 -20.84 -25.06 1.98
C ASN A 283 -19.58 -25.85 1.66
N MET A 284 -18.92 -25.55 0.55
CA MET A 284 -17.58 -26.08 0.35
C MET A 284 -16.50 -25.05 0.67
N GLY A 285 -16.89 -23.80 0.91
CA GLY A 285 -15.88 -22.84 1.29
C GLY A 285 -15.98 -21.59 0.46
N LEU A 286 -14.85 -20.89 0.34
CA LEU A 286 -14.82 -19.64 -0.42
C LEU A 286 -15.09 -19.94 -1.89
N VAL A 287 -15.60 -18.93 -2.60
CA VAL A 287 -15.75 -18.97 -4.05
C VAL A 287 -15.25 -17.63 -4.60
N LEU A 288 -14.21 -17.67 -5.41
CA LEU A 288 -13.60 -16.40 -5.84
C LEU A 288 -14.10 -16.02 -7.24
N PRO A 289 -14.58 -14.81 -7.46
CA PRO A 289 -14.79 -14.35 -8.84
C PRO A 289 -13.48 -14.33 -9.59
N PRO A 290 -13.44 -14.86 -10.81
CA PRO A 290 -12.16 -14.95 -11.53
C PRO A 290 -11.44 -13.63 -11.66
N ARG A 291 -12.17 -12.50 -11.65
CA ARG A 291 -11.52 -11.21 -11.84
C ARG A 291 -10.59 -10.83 -10.69
N VAL A 292 -10.81 -11.33 -9.47
CA VAL A 292 -9.94 -10.99 -8.37
C VAL A 292 -9.19 -12.18 -7.81
N ALA A 293 -9.41 -13.38 -8.33
CA ALA A 293 -8.80 -14.58 -7.77
C ALA A 293 -7.28 -14.56 -7.90
N CYS A 294 -6.58 -14.73 -6.77
CA CYS A 294 -5.11 -14.82 -6.82
C CYS A 294 -4.66 -15.91 -7.78
N VAL A 295 -5.30 -17.07 -7.71
CA VAL A 295 -5.04 -18.18 -8.63
C VAL A 295 -6.37 -18.50 -9.31
N GLN A 296 -6.42 -18.34 -10.64
CA GLN A 296 -7.65 -18.63 -11.38
C GLN A 296 -7.76 -20.10 -11.75
N VAL A 297 -6.64 -20.74 -12.07
CA VAL A 297 -6.60 -22.16 -12.41
C VAL A 297 -5.51 -22.79 -11.54
N VAL A 298 -5.85 -23.88 -10.86
CA VAL A 298 -4.88 -24.70 -10.16
C VAL A 298 -4.74 -26.01 -10.92
N ILE A 299 -3.50 -26.37 -11.24
CA ILE A 299 -3.19 -27.62 -11.94
C ILE A 299 -2.78 -28.66 -10.91
N ILE A 300 -3.43 -29.81 -10.94
CA ILE A 300 -3.20 -30.88 -9.97
C ILE A 300 -2.97 -32.19 -10.71
N PRO A 301 -1.86 -32.83 -10.48
CA PRO A 301 -1.60 -34.09 -11.14
C PRO A 301 -2.27 -35.19 -10.40
N CYS A 302 -3.08 -35.93 -11.13
CA CYS A 302 -3.83 -37.00 -10.54
C CYS A 302 -3.29 -38.39 -10.83
N GLY A 303 -4.01 -39.33 -10.24
CA GLY A 303 -3.80 -40.74 -10.29
C GLY A 303 -2.41 -41.24 -10.28
N ILE A 304 -1.68 -40.94 -9.24
CA ILE A 304 -0.32 -41.40 -9.09
C ILE A 304 -0.22 -42.45 -8.00
N THR A 305 0.21 -43.65 -8.37
CA THR A 305 0.35 -44.74 -7.44
C THR A 305 1.75 -45.16 -7.33
N ASN A 306 1.95 -46.24 -6.59
CA ASN A 306 3.31 -46.76 -6.37
C ASN A 306 3.84 -47.43 -7.62
N ALA A 307 2.90 -47.97 -8.33
CA ALA A 307 3.07 -48.60 -9.60
C ALA A 307 3.57 -47.70 -10.71
N LEU A 308 3.22 -46.41 -10.69
CA LEU A 308 3.60 -45.54 -11.78
C LEU A 308 5.05 -45.50 -11.94
N SER A 309 5.50 -45.64 -13.17
CA SER A 309 6.90 -45.66 -13.44
C SER A 309 7.48 -44.36 -13.16
N GLU A 310 8.70 -44.35 -12.70
CA GLU A 310 9.39 -43.12 -12.44
C GLU A 310 9.51 -42.31 -13.70
N GLU A 311 9.80 -42.90 -14.84
CA GLU A 311 9.84 -42.15 -16.06
C GLU A 311 8.48 -41.57 -16.39
N ASP A 312 7.41 -42.31 -16.17
CA ASP A 312 6.08 -41.81 -16.43
C ASP A 312 5.71 -40.63 -15.54
N LYS A 313 6.12 -40.71 -14.28
CA LYS A 313 5.85 -39.68 -13.32
C LYS A 313 6.47 -38.36 -13.71
N GLU A 314 7.71 -38.37 -14.12
CA GLU A 314 8.39 -37.16 -14.59
C GLU A 314 7.69 -36.57 -15.80
N ALA A 315 7.24 -37.43 -16.72
CA ALA A 315 6.47 -36.97 -17.86
C ALA A 315 5.20 -36.26 -17.42
N LEU A 316 4.55 -36.77 -16.37
CA LEU A 316 3.31 -36.15 -15.89
C LEU A 316 3.57 -34.78 -15.28
N ILE A 317 4.57 -34.68 -14.41
CA ILE A 317 4.89 -33.39 -13.81
C ILE A 317 5.28 -32.40 -14.92
N ALA A 318 5.95 -32.90 -15.95
CA ALA A 318 6.32 -32.00 -17.04
C ALA A 318 5.10 -31.52 -17.80
N LYS A 319 4.11 -32.40 -18.01
CA LYS A 319 2.89 -31.97 -18.72
C LYS A 319 2.11 -30.93 -17.91
N CYS A 320 2.08 -31.09 -16.58
CA CYS A 320 1.41 -30.09 -15.76
C CYS A 320 2.12 -28.75 -15.87
N ASN A 321 3.45 -28.76 -15.90
CA ASN A 321 4.17 -27.50 -16.07
C ASN A 321 3.97 -26.94 -17.48
N ASP A 322 3.74 -27.82 -18.45
CA ASP A 322 3.39 -27.39 -19.81
C ASP A 322 2.14 -26.52 -19.78
N TYR A 323 1.07 -27.05 -19.18
CA TYR A 323 -0.16 -26.27 -19.04
C TYR A 323 0.10 -24.96 -18.31
N ARG A 324 0.87 -25.03 -17.21
CA ARG A 324 1.15 -23.81 -16.45
C ARG A 324 1.76 -22.74 -17.33
N ARG A 325 2.78 -23.09 -18.12
CA ARG A 325 3.44 -22.07 -18.95
C ARG A 325 2.51 -21.57 -20.04
N ARG A 326 1.69 -22.46 -20.62
CA ARG A 326 0.72 -21.99 -21.64
C ARG A 326 -0.22 -20.95 -21.05
N LEU A 327 -0.70 -21.21 -19.83
CA LEU A 327 -1.66 -20.31 -19.21
C LEU A 327 -0.98 -19.01 -18.78
N LEU A 328 0.20 -19.10 -18.17
CA LEU A 328 0.97 -17.90 -17.84
C LEU A 328 1.16 -17.02 -19.06
N SER A 329 1.35 -17.64 -20.23
CA SER A 329 1.54 -16.88 -21.46
C SER A 329 0.24 -16.27 -21.98
N VAL A 330 -0.93 -16.80 -21.65
CA VAL A 330 -2.18 -16.10 -22.02
C VAL A 330 -2.73 -15.22 -20.90
N ASN A 331 -1.91 -14.87 -19.91
CA ASN A 331 -2.32 -13.98 -18.80
C ASN A 331 -3.43 -14.58 -17.94
N ILE A 332 -3.49 -15.90 -17.84
CA ILE A 332 -4.32 -16.54 -16.83
C ILE A 332 -3.44 -16.81 -15.62
N ARG A 333 -3.92 -16.43 -14.44
CA ARG A 333 -3.15 -16.68 -13.23
C ARG A 333 -3.36 -18.12 -12.78
N VAL A 334 -2.26 -18.80 -12.49
CA VAL A 334 -2.23 -20.25 -12.51
C VAL A 334 -1.23 -20.74 -11.48
N ARG A 335 -1.53 -21.89 -10.89
CA ARG A 335 -0.58 -22.56 -10.01
C ARG A 335 -0.63 -24.07 -10.22
N ALA A 336 0.55 -24.68 -10.31
CA ALA A 336 0.70 -26.13 -10.38
C ALA A 336 1.05 -26.63 -8.99
N ASP A 337 0.11 -27.33 -8.36
CA ASP A 337 0.35 -27.88 -7.03
C ASP A 337 1.06 -29.20 -7.22
N LEU A 338 2.39 -29.15 -7.28
CA LEU A 338 3.21 -30.30 -7.64
C LEU A 338 3.80 -31.03 -6.44
N ARG A 339 3.57 -30.54 -5.23
CA ARG A 339 4.24 -31.15 -4.07
C ARG A 339 3.78 -32.59 -3.87
N ASP A 340 4.77 -33.45 -3.64
CA ASP A 340 4.73 -34.88 -3.39
C ASP A 340 4.06 -35.24 -2.06
N ASN A 341 4.03 -34.30 -1.11
CA ASN A 341 3.73 -34.56 0.29
C ASN A 341 2.25 -34.38 0.62
N TYR A 342 1.38 -34.45 -0.38
CA TYR A 342 -0.07 -34.39 -0.19
C TYR A 342 -0.75 -35.16 -1.30
N SER A 343 -1.86 -35.80 -0.96
CA SER A 343 -2.61 -36.60 -1.91
C SER A 343 -3.35 -35.72 -2.91
N PRO A 344 -3.80 -36.30 -4.04
CA PRO A 344 -4.73 -35.54 -4.90
C PRO A 344 -5.98 -35.09 -4.18
N GLY A 345 -6.62 -35.95 -3.41
CA GLY A 345 -7.84 -35.56 -2.71
C GLY A 345 -7.62 -34.39 -1.76
N TRP A 346 -6.51 -34.41 -1.03
CA TRP A 346 -6.20 -33.31 -0.13
C TRP A 346 -6.00 -32.01 -0.89
N LYS A 347 -5.39 -32.08 -2.08
CA LYS A 347 -5.24 -30.89 -2.92
C LYS A 347 -6.58 -30.40 -3.44
N PHE A 348 -7.42 -31.32 -3.94
CA PHE A 348 -8.77 -30.93 -4.37
C PHE A 348 -9.44 -30.12 -3.28
N ASN A 349 -9.41 -30.66 -2.06
CA ASN A 349 -10.09 -30.02 -0.94
C ASN A 349 -9.45 -28.68 -0.58
N HIS A 350 -8.11 -28.64 -0.52
CA HIS A 350 -7.40 -27.41 -0.17
C HIS A 350 -7.77 -26.29 -1.12
N TRP A 351 -7.76 -26.56 -2.42
CA TRP A 351 -8.00 -25.50 -3.40
C TRP A 351 -9.48 -25.19 -3.57
N GLU A 352 -10.37 -26.13 -3.21
CA GLU A 352 -11.79 -25.81 -3.16
C GLU A 352 -12.11 -24.88 -1.99
N LEU A 353 -11.54 -25.15 -0.82
CA LEU A 353 -11.74 -24.29 0.33
C LEU A 353 -11.36 -22.86 0.00
N LYS A 354 -10.30 -22.69 -0.79
CA LYS A 354 -9.79 -21.37 -1.15
C LYS A 354 -10.53 -20.75 -2.32
N GLY A 355 -11.45 -21.49 -2.97
CA GLY A 355 -12.33 -20.92 -3.97
C GLY A 355 -11.74 -20.68 -5.35
N VAL A 356 -10.69 -21.42 -5.73
CA VAL A 356 -10.05 -21.29 -7.05
C VAL A 356 -11.07 -21.58 -8.15
N PRO A 357 -11.25 -20.69 -9.14
CA PRO A 357 -12.35 -20.88 -10.09
C PRO A 357 -12.30 -22.19 -10.85
N ILE A 358 -11.14 -22.64 -11.30
CA ILE A 358 -11.05 -23.88 -12.08
C ILE A 358 -9.94 -24.78 -11.52
N ARG A 359 -10.26 -26.05 -11.31
CA ARG A 359 -9.26 -27.07 -11.05
C ARG A 359 -8.94 -27.78 -12.35
N LEU A 360 -7.65 -27.83 -12.71
CA LEU A 360 -7.18 -28.54 -13.90
C LEU A 360 -6.55 -29.86 -13.48
N GLU A 361 -7.24 -30.97 -13.76
CA GLU A 361 -6.78 -32.31 -13.44
C GLU A 361 -6.07 -32.95 -14.64
N VAL A 362 -4.89 -33.50 -14.38
CA VAL A 362 -4.06 -34.21 -15.38
C VAL A 362 -3.65 -35.56 -14.80
N GLY A 363 -4.19 -36.64 -15.36
CA GLY A 363 -3.79 -37.97 -14.98
C GLY A 363 -2.93 -38.57 -16.08
N PRO A 364 -2.26 -39.69 -15.79
CA PRO A 364 -1.44 -40.32 -16.86
C PRO A 364 -2.27 -40.71 -18.06
N ARG A 365 -3.47 -41.23 -17.83
CA ARG A 365 -4.37 -41.61 -18.92
C ARG A 365 -4.71 -40.41 -19.80
N ASP A 366 -5.16 -39.32 -19.19
CA ASP A 366 -5.50 -38.13 -19.98
C ASP A 366 -4.25 -37.54 -20.62
N MET A 367 -3.14 -37.57 -19.91
CA MET A 367 -1.90 -37.07 -20.49
C MET A 367 -1.60 -37.74 -21.82
N LYS A 368 -1.65 -39.06 -21.83
CA LYS A 368 -1.37 -39.84 -23.01
C LYS A 368 -2.42 -39.76 -24.08
N SER A 369 -3.60 -39.31 -23.74
CA SER A 369 -4.68 -39.10 -24.71
C SER A 369 -4.78 -37.64 -25.13
N CYS A 370 -3.84 -36.80 -24.72
CA CYS A 370 -3.83 -35.36 -25.06
C CYS A 370 -5.17 -34.70 -24.72
N GLN A 371 -5.54 -34.79 -23.45
CA GLN A 371 -6.75 -34.18 -22.93
C GLN A 371 -6.55 -33.91 -21.44
N PHE A 372 -7.52 -33.25 -20.83
CA PHE A 372 -7.46 -32.96 -19.40
C PHE A 372 -8.87 -32.72 -18.91
N VAL A 373 -9.02 -32.56 -17.59
CA VAL A 373 -10.34 -32.32 -16.99
C VAL A 373 -10.35 -30.96 -16.29
N ALA A 374 -11.36 -30.15 -16.59
CA ALA A 374 -11.58 -28.88 -15.91
C ALA A 374 -12.83 -29.00 -15.03
N VAL A 375 -12.68 -28.70 -13.74
CA VAL A 375 -13.80 -28.70 -12.79
C VAL A 375 -14.02 -27.27 -12.32
N ARG A 376 -15.21 -26.73 -12.62
CA ARG A 376 -15.58 -25.39 -12.17
C ARG A 376 -15.97 -25.43 -10.71
N ARG A 377 -15.61 -24.38 -9.99
CA ARG A 377 -15.86 -24.32 -8.55
C ARG A 377 -17.28 -23.87 -8.21
N ASP A 378 -17.86 -22.99 -9.02
CA ASP A 378 -19.18 -22.45 -8.67
C ASP A 378 -20.27 -23.49 -8.76
N THR A 379 -20.16 -24.44 -9.72
CA THR A 379 -21.18 -25.46 -9.95
C THR A 379 -20.67 -26.89 -9.83
N GLY A 380 -19.36 -27.09 -9.69
CA GLY A 380 -18.84 -28.45 -9.60
C GLY A 380 -18.88 -29.26 -10.89
N GLU A 381 -19.44 -28.71 -11.96
CA GLU A 381 -19.50 -29.36 -13.26
C GLU A 381 -18.10 -29.67 -13.80
N LYS A 382 -17.98 -30.82 -14.47
CA LYS A 382 -16.70 -31.27 -15.02
C LYS A 382 -16.77 -31.37 -16.54
N LEU A 383 -15.63 -31.08 -17.17
CA LEU A 383 -15.51 -31.11 -18.62
C LEU A 383 -14.20 -31.79 -19.01
N THR A 384 -14.27 -32.68 -20.00
CA THR A 384 -13.08 -33.18 -20.65
C THR A 384 -12.74 -32.26 -21.83
N VAL A 385 -11.49 -31.79 -21.86
CA VAL A 385 -11.07 -30.79 -22.84
C VAL A 385 -9.82 -31.32 -23.56
N ALA A 386 -9.82 -31.20 -24.88
CA ALA A 386 -8.64 -31.54 -25.65
C ALA A 386 -7.49 -30.58 -25.35
N GLU A 387 -6.27 -31.13 -25.30
CA GLU A 387 -5.09 -30.34 -24.93
C GLU A 387 -4.97 -29.06 -25.76
N ASN A 388 -5.16 -29.16 -27.08
CA ASN A 388 -4.94 -28.00 -27.95
C ASN A 388 -5.91 -26.85 -27.64
N GLU A 389 -7.00 -27.10 -26.93
CA GLU A 389 -7.97 -26.05 -26.66
C GLU A 389 -7.79 -25.39 -25.29
N ALA A 390 -6.77 -25.77 -24.52
CA ALA A 390 -6.71 -25.35 -23.11
C ALA A 390 -6.86 -23.84 -22.97
N GLU A 391 -6.06 -23.07 -23.72
CA GLU A 391 -6.10 -21.61 -23.60
C GLU A 391 -7.50 -21.09 -23.91
N THR A 392 -8.08 -21.55 -25.02
CA THR A 392 -9.38 -21.07 -25.45
C THR A 392 -10.45 -21.36 -24.39
N LYS A 393 -10.72 -22.63 -24.15
CA LYS A 393 -11.89 -22.98 -23.36
C LYS A 393 -11.74 -22.53 -21.91
N LEU A 394 -10.55 -22.66 -21.32
CA LEU A 394 -10.36 -22.18 -19.96
C LEU A 394 -10.72 -20.70 -19.87
N GLN A 395 -10.27 -19.89 -20.84
CA GLN A 395 -10.64 -18.48 -20.80
C GLN A 395 -12.15 -18.33 -20.78
N ALA A 396 -12.84 -19.06 -21.65
CA ALA A 396 -14.29 -18.98 -21.72
C ALA A 396 -14.92 -19.44 -20.41
N ILE A 397 -14.42 -20.54 -19.83
CA ILE A 397 -15.03 -20.97 -18.57
C ILE A 397 -14.85 -19.90 -17.52
N LEU A 398 -13.66 -19.25 -17.50
CA LEU A 398 -13.46 -18.19 -16.54
C LEU A 398 -14.48 -17.08 -16.74
N GLU A 399 -14.71 -16.70 -18.00
CA GLU A 399 -15.68 -15.63 -18.26
C GLU A 399 -17.08 -16.09 -17.89
N ASP A 400 -17.40 -17.37 -18.07
CA ASP A 400 -18.75 -17.79 -17.73
C ASP A 400 -18.92 -17.78 -16.22
N ILE A 401 -17.86 -18.19 -15.50
CA ILE A 401 -17.96 -18.24 -14.04
C ILE A 401 -18.28 -16.85 -13.50
N GLN A 402 -17.51 -15.86 -13.94
CA GLN A 402 -17.78 -14.49 -13.53
C GLN A 402 -19.22 -14.09 -13.82
N VAL A 403 -19.73 -14.40 -15.03
CA VAL A 403 -21.08 -13.99 -15.36
C VAL A 403 -22.06 -14.69 -14.44
N THR A 404 -21.85 -15.99 -14.23
CA THR A 404 -22.80 -16.79 -13.46
C THR A 404 -22.90 -16.27 -12.03
N LEU A 405 -21.76 -16.08 -11.38
CA LEU A 405 -21.74 -15.52 -10.03
C LEU A 405 -22.55 -14.24 -9.95
N PHE A 406 -22.39 -13.34 -10.95
CA PHE A 406 -23.12 -12.08 -10.89
C PHE A 406 -24.60 -12.33 -11.07
N THR A 407 -24.95 -13.20 -12.01
CA THR A 407 -26.35 -13.36 -12.36
C THR A 407 -27.12 -13.92 -11.17
N ARG A 408 -26.57 -14.98 -10.56
CA ARG A 408 -27.15 -15.52 -9.33
C ARG A 408 -27.35 -14.40 -8.31
N ALA A 409 -26.30 -13.63 -8.03
CA ALA A 409 -26.46 -12.61 -7.01
C ALA A 409 -27.47 -11.57 -7.45
N SER A 410 -27.53 -11.27 -8.76
CA SER A 410 -28.50 -10.30 -9.21
C SER A 410 -29.91 -10.83 -9.00
N GLU A 411 -30.13 -12.12 -9.30
CA GLU A 411 -31.46 -12.67 -9.09
C GLU A 411 -31.86 -12.54 -7.63
N ASP A 412 -30.92 -12.78 -6.72
CA ASP A 412 -31.30 -12.73 -5.31
C ASP A 412 -31.72 -11.31 -4.96
N LEU A 413 -30.92 -10.33 -5.40
CA LEU A 413 -31.29 -8.94 -5.14
C LEU A 413 -32.68 -8.66 -5.67
N LYS A 414 -32.97 -9.10 -6.90
CA LYS A 414 -34.21 -8.70 -7.54
C LYS A 414 -35.42 -9.26 -6.82
N THR A 415 -35.26 -10.38 -6.12
CA THR A 415 -36.42 -10.94 -5.45
C THR A 415 -36.47 -10.52 -4.00
N HIS A 416 -35.41 -9.90 -3.49
CA HIS A 416 -35.42 -9.50 -2.09
C HIS A 416 -35.52 -7.99 -1.92
N MET A 417 -35.75 -7.25 -2.99
CA MET A 417 -35.92 -5.80 -2.90
C MET A 417 -37.22 -5.43 -3.59
N VAL A 418 -38.17 -4.91 -2.82
CA VAL A 418 -39.53 -4.68 -3.30
C VAL A 418 -40.02 -3.36 -2.71
N VAL A 419 -41.16 -2.91 -3.23
CA VAL A 419 -41.80 -1.68 -2.78
C VAL A 419 -42.88 -2.01 -1.75
N ALA A 420 -43.03 -1.14 -0.75
CA ALA A 420 -44.24 -1.16 0.09
C ALA A 420 -44.65 0.28 0.35
N ASN A 421 -45.96 0.51 0.43
CA ASN A 421 -46.48 1.87 0.49
C ASN A 421 -47.17 2.19 1.81
N THR A 422 -47.18 1.25 2.75
CA THR A 422 -47.73 1.49 4.09
C THR A 422 -46.82 0.86 5.13
N MET A 423 -46.92 1.37 6.36
CA MET A 423 -46.16 0.83 7.48
C MET A 423 -46.41 -0.66 7.67
N GLU A 424 -47.69 -1.10 7.58
CA GLU A 424 -48.02 -2.50 7.82
C GLU A 424 -47.38 -3.42 6.76
N ASP A 425 -47.62 -3.13 5.48
CA ASP A 425 -46.96 -3.89 4.42
C ASP A 425 -45.44 -3.86 4.59
N PHE A 426 -44.89 -2.69 4.91
CA PHE A 426 -43.45 -2.58 5.10
C PHE A 426 -42.97 -3.56 6.17
N GLN A 427 -43.59 -3.48 7.36
CA GLN A 427 -43.28 -4.38 8.46
C GLN A 427 -43.32 -5.84 8.03
N LYS A 428 -44.42 -6.26 7.40
CA LYS A 428 -44.56 -7.66 7.00
C LYS A 428 -43.46 -8.05 6.02
N ILE A 429 -43.26 -7.27 4.96
CA ILE A 429 -42.27 -7.62 3.95
C ILE A 429 -40.88 -7.67 4.55
N LEU A 430 -40.60 -6.76 5.50
CA LEU A 430 -39.30 -6.71 6.15
C LEU A 430 -39.08 -7.95 7.02
N ASP A 431 -40.12 -8.42 7.70
CA ASP A 431 -39.95 -9.59 8.53
C ASP A 431 -39.82 -10.88 7.72
N SER A 432 -40.17 -10.86 6.43
CA SER A 432 -39.93 -11.99 5.54
C SER A 432 -38.49 -12.04 5.02
N GLY A 433 -37.63 -11.13 5.46
CA GLY A 433 -36.23 -11.18 5.11
C GLY A 433 -35.84 -10.38 3.89
N LYS A 434 -36.56 -9.34 3.56
CA LYS A 434 -36.27 -8.52 2.39
C LYS A 434 -35.90 -7.10 2.81
N ILE A 435 -35.42 -6.33 1.82
CA ILE A 435 -35.23 -4.90 1.98
C ILE A 435 -36.26 -4.21 1.10
N VAL A 436 -36.76 -3.05 1.55
CA VAL A 436 -37.99 -2.47 1.02
C VAL A 436 -37.81 -1.01 0.67
N GLN A 437 -38.26 -0.61 -0.51
CA GLN A 437 -38.41 0.80 -0.87
C GLN A 437 -39.78 1.30 -0.43
N ILE A 438 -39.78 2.31 0.44
CA ILE A 438 -41.00 2.88 1.01
C ILE A 438 -41.03 4.38 0.77
N PRO A 439 -42.22 4.98 0.62
CA PRO A 439 -42.30 6.45 0.53
C PRO A 439 -41.92 7.07 1.87
N PHE A 440 -41.05 8.10 1.86
CA PHE A 440 -40.39 8.56 3.09
C PHE A 440 -40.24 10.08 3.13
N CYS A 441 -40.55 10.64 4.33
CA CYS A 441 -40.49 12.08 4.61
C CYS A 441 -39.05 12.60 4.76
N GLY A 442 -38.08 11.74 4.98
CA GLY A 442 -36.69 12.15 5.06
C GLY A 442 -36.21 12.62 6.42
N GLU A 443 -37.13 12.99 7.33
CA GLU A 443 -36.71 13.59 8.59
C GLU A 443 -36.03 12.57 9.49
N ILE A 444 -35.01 13.02 10.23
CA ILE A 444 -34.25 12.13 11.12
C ILE A 444 -35.17 11.49 12.19
N ASP A 445 -36.10 12.27 12.74
CA ASP A 445 -36.98 11.75 13.80
C ASP A 445 -37.85 10.61 13.29
N CYS A 446 -38.35 10.73 12.06
CA CYS A 446 -39.15 9.64 11.53
C CYS A 446 -38.31 8.40 11.31
N GLU A 447 -37.04 8.56 10.92
CA GLU A 447 -36.17 7.42 10.75
C GLU A 447 -35.89 6.72 12.09
N ASP A 448 -35.69 7.50 13.15
CA ASP A 448 -35.62 6.90 14.50
C ASP A 448 -36.90 6.13 14.84
N TRP A 449 -38.06 6.74 14.58
CA TRP A 449 -39.33 6.10 14.90
C TRP A 449 -39.51 4.79 14.12
N ILE A 450 -39.09 4.79 12.86
CA ILE A 450 -39.13 3.59 12.04
C ILE A 450 -38.28 2.49 12.67
N LYS A 451 -37.04 2.84 13.05
CA LYS A 451 -36.17 1.85 13.69
C LYS A 451 -36.83 1.28 14.95
N LYS A 452 -37.35 2.17 15.79
CA LYS A 452 -37.91 1.75 17.07
C LYS A 452 -39.12 0.83 16.88
N THR A 453 -40.04 1.20 15.98
CA THR A 453 -41.29 0.43 15.87
C THR A 453 -41.13 -0.84 15.03
N THR A 454 -40.23 -0.86 14.04
CA THR A 454 -40.02 -2.13 13.34
C THR A 454 -39.25 -3.11 14.22
N ALA A 455 -38.47 -2.63 15.20
CA ALA A 455 -37.98 -3.55 16.22
C ALA A 455 -39.12 -4.02 17.12
N ARG A 456 -39.93 -3.07 17.60
CA ARG A 456 -41.03 -3.39 18.51
C ARG A 456 -42.02 -4.39 17.89
N ASP A 457 -42.39 -4.18 16.63
CA ASP A 457 -43.46 -4.96 16.00
C ASP A 457 -42.95 -6.17 15.24
N GLN A 458 -41.69 -6.55 15.45
CA GLN A 458 -41.06 -7.60 14.68
C GLN A 458 -41.73 -8.95 14.93
N ASP A 459 -42.07 -9.64 13.85
CA ASP A 459 -42.53 -11.03 13.88
C ASP A 459 -41.34 -11.90 13.47
N LEU A 460 -40.78 -12.59 14.44
CA LEU A 460 -39.60 -13.33 14.18
C LEU A 460 -39.66 -14.60 13.37
N GLU A 461 -39.10 -14.55 12.18
CA GLU A 461 -38.95 -15.76 11.37
C GLU A 461 -37.75 -16.56 11.90
N PRO A 462 -37.83 -17.91 11.85
CA PRO A 462 -36.93 -18.75 12.67
C PRO A 462 -35.46 -18.35 12.77
N GLY A 463 -34.78 -18.10 11.66
CA GLY A 463 -33.36 -17.85 11.74
C GLY A 463 -32.92 -16.41 11.73
N ALA A 464 -33.85 -15.44 11.81
CA ALA A 464 -33.68 -14.05 11.38
C ALA A 464 -33.06 -13.18 12.47
N PRO A 465 -32.38 -12.11 12.07
CA PRO A 465 -31.82 -11.18 13.06
C PRO A 465 -32.87 -10.31 13.74
N SER A 466 -32.65 -10.05 15.03
CA SER A 466 -33.59 -9.32 15.88
C SER A 466 -33.11 -7.88 16.02
N MET A 467 -33.65 -6.99 15.17
CA MET A 467 -33.15 -5.63 15.14
C MET A 467 -34.13 -4.73 14.41
N GLY A 468 -34.01 -3.43 14.65
CA GLY A 468 -34.79 -2.47 13.91
C GLY A 468 -34.26 -2.23 12.50
N ALA A 469 -35.14 -1.71 11.64
CA ALA A 469 -34.77 -1.37 10.27
C ALA A 469 -34.10 0.00 10.21
N LYS A 470 -33.04 0.11 9.42
CA LYS A 470 -32.38 1.40 9.18
C LYS A 470 -32.53 1.79 7.71
N SER A 471 -32.35 3.07 7.43
CA SER A 471 -32.24 3.47 6.04
C SER A 471 -30.94 2.95 5.45
N LEU A 472 -30.97 2.65 4.16
CA LEU A 472 -29.80 2.24 3.42
C LEU A 472 -29.38 3.32 2.44
N CYS A 473 -30.25 3.68 1.50
CA CYS A 473 -30.00 4.81 0.62
C CYS A 473 -31.32 5.24 0.03
N ILE A 474 -31.36 6.49 -0.43
CA ILE A 474 -32.39 6.99 -1.32
C ILE A 474 -31.96 6.62 -2.73
N PRO A 475 -32.54 5.60 -3.37
CA PRO A 475 -32.05 5.18 -4.69
C PRO A 475 -32.14 6.30 -5.73
N PHE A 476 -31.06 6.44 -6.51
CA PHE A 476 -31.08 7.33 -7.69
C PHE A 476 -32.19 6.93 -8.65
N LYS A 477 -32.43 5.63 -8.80
CA LYS A 477 -33.42 5.11 -9.73
C LYS A 477 -34.34 4.15 -8.98
N PRO A 478 -35.33 4.69 -8.27
CA PRO A 478 -36.24 3.83 -7.49
C PRO A 478 -36.99 2.83 -8.37
N LEU A 479 -37.50 1.78 -7.72
CA LEU A 479 -38.32 0.80 -8.43
C LEU A 479 -39.57 1.45 -9.04
N CYS A 480 -40.21 2.36 -8.31
CA CYS A 480 -41.38 3.08 -8.82
C CYS A 480 -41.20 4.57 -8.56
N GLU A 481 -42.05 5.37 -9.22
CA GLU A 481 -42.07 6.81 -9.05
C GLU A 481 -43.10 7.18 -7.99
N LEU A 482 -42.72 8.13 -7.14
CA LEU A 482 -43.59 8.58 -6.06
C LEU A 482 -44.85 9.21 -6.61
N GLN A 483 -45.99 8.61 -6.32
CA GLN A 483 -47.27 9.18 -6.68
C GLN A 483 -47.34 10.64 -6.18
N PRO A 484 -48.10 11.49 -6.88
CA PRO A 484 -48.22 12.88 -6.41
C PRO A 484 -48.98 12.92 -5.10
N GLY A 485 -48.40 13.65 -4.14
CA GLY A 485 -49.01 13.79 -2.84
C GLY A 485 -49.03 12.54 -1.98
N ALA A 486 -48.19 11.56 -2.30
CA ALA A 486 -48.10 10.37 -1.47
C ALA A 486 -47.60 10.73 -0.07
N LYS A 487 -48.09 10.00 0.92
CA LYS A 487 -47.66 10.18 2.30
C LYS A 487 -46.50 9.26 2.65
N CYS A 488 -45.64 9.75 3.56
CA CYS A 488 -44.64 8.87 4.15
C CYS A 488 -45.34 7.76 4.94
N VAL A 489 -44.60 6.70 5.23
CA VAL A 489 -45.10 5.63 6.08
C VAL A 489 -45.42 6.15 7.47
N CYS A 490 -44.81 7.27 7.92
CA CYS A 490 -45.23 7.82 9.21
C CYS A 490 -46.68 8.30 9.18
N GLY A 491 -47.22 8.60 8.00
CA GLY A 491 -48.60 9.04 7.87
C GLY A 491 -48.82 10.55 7.93
N LYS A 492 -47.98 11.28 8.68
CA LYS A 492 -48.28 12.68 8.97
C LYS A 492 -47.56 13.68 8.06
N ASN A 493 -46.42 13.31 7.45
CA ASN A 493 -45.74 14.20 6.51
C ASN A 493 -45.85 13.68 5.09
N PRO A 494 -45.94 14.56 4.10
CA PRO A 494 -45.78 14.12 2.72
C PRO A 494 -44.42 13.45 2.50
N ALA A 495 -44.42 12.43 1.66
CA ALA A 495 -43.18 11.72 1.36
C ALA A 495 -42.33 12.56 0.42
N LYS A 496 -41.00 12.52 0.63
CA LYS A 496 -40.10 13.22 -0.25
C LYS A 496 -39.53 12.31 -1.31
N TYR A 497 -39.33 11.04 -1.00
CA TYR A 497 -38.76 10.13 -1.99
C TYR A 497 -38.98 8.69 -1.56
N TYR A 498 -38.85 7.76 -2.50
CA TYR A 498 -38.70 6.36 -2.13
C TYR A 498 -37.33 6.18 -1.50
N THR A 499 -37.29 5.46 -0.39
CA THR A 499 -36.07 5.17 0.35
C THR A 499 -35.98 3.68 0.64
N LEU A 500 -34.79 3.13 0.45
CA LEU A 500 -34.50 1.74 0.73
C LEU A 500 -34.23 1.59 2.22
N PHE A 501 -34.98 0.70 2.86
CA PHE A 501 -34.85 0.40 4.27
C PHE A 501 -34.61 -1.10 4.47
N GLY A 502 -33.78 -1.43 5.44
CA GLY A 502 -33.62 -2.83 5.77
C GLY A 502 -32.89 -2.98 7.09
N ARG A 503 -32.87 -4.21 7.59
CA ARG A 503 -31.90 -4.55 8.63
C ARG A 503 -30.50 -4.55 8.00
N SER A 504 -29.54 -3.97 8.71
CA SER A 504 -28.25 -3.71 8.08
C SER A 504 -27.13 -3.90 9.10
N TYR A 505 -25.91 -3.89 8.58
CA TYR A 505 -24.70 -3.96 9.39
C TYR A 505 -24.36 -2.56 9.90
N LEU B 7 14.92 31.84 -11.05
CA LEU B 7 13.94 32.16 -10.02
C LEU B 7 13.71 31.01 -9.04
N GLY B 8 14.57 29.99 -9.07
CA GLY B 8 14.40 28.81 -8.25
C GLY B 8 15.21 28.82 -6.98
N LEU B 9 16.12 27.86 -6.85
CA LEU B 9 16.85 27.65 -5.60
C LEU B 9 17.86 28.77 -5.33
N GLU B 10 17.82 29.29 -4.10
CA GLU B 10 18.78 30.29 -3.64
C GLU B 10 19.82 29.73 -2.67
N ALA B 11 19.46 28.77 -1.83
CA ALA B 11 20.41 28.16 -0.90
C ALA B 11 21.37 27.21 -1.63
N LYS B 12 22.64 27.27 -1.25
CA LYS B 12 23.71 26.56 -1.95
C LYS B 12 24.08 25.31 -1.18
N LYS B 13 24.30 24.24 -1.91
CA LYS B 13 24.54 22.98 -1.28
C LYS B 13 25.79 22.86 -0.51
N GLU B 14 26.78 23.61 -0.89
CA GLU B 14 28.05 23.52 -0.21
C GLU B 14 28.19 24.44 0.98
N GLU B 15 27.16 25.22 1.26
CA GLU B 15 27.13 26.12 2.39
C GLU B 15 26.30 25.45 3.49
N ASN B 16 25.11 25.93 3.82
CA ASN B 16 24.35 25.24 4.84
C ASN B 16 23.54 24.15 4.21
N LEU B 17 24.01 22.95 4.33
CA LEU B 17 23.38 21.84 3.71
C LEU B 17 21.99 21.59 4.22
N ALA B 18 21.77 21.74 5.49
CA ALA B 18 20.47 21.51 6.00
C ALA B 18 19.46 22.43 5.43
N ASP B 19 19.82 23.66 5.16
CA ASP B 19 18.87 24.61 4.58
C ASP B 19 18.67 24.35 3.09
N TRP B 20 19.75 23.97 2.38
CA TRP B 20 19.59 23.48 1.02
C TRP B 20 18.61 22.31 0.95
N TYR B 21 18.80 21.33 1.84
CA TYR B 21 17.96 20.14 1.83
C TYR B 21 16.51 20.53 2.04
N SER B 22 16.25 21.39 3.03
CA SER B 22 14.89 21.82 3.31
C SER B 22 14.27 22.52 2.11
N GLN B 23 15.04 23.41 1.44
CA GLN B 23 14.45 24.11 0.31
C GLN B 23 14.27 23.18 -0.90
N VAL B 24 15.18 22.24 -1.12
CA VAL B 24 15.01 21.33 -2.25
C VAL B 24 13.77 20.48 -2.04
N ILE B 25 13.59 19.93 -0.84
CA ILE B 25 12.50 18.98 -0.68
C ILE B 25 11.16 19.69 -0.66
N THR B 26 11.12 20.98 -0.28
CA THR B 26 9.85 21.70 -0.37
C THR B 26 9.55 22.32 -1.75
N LYS B 27 10.55 22.90 -2.41
CA LYS B 27 10.32 23.51 -3.71
C LYS B 27 10.22 22.49 -4.84
N SER B 28 10.71 21.27 -4.63
CA SER B 28 10.38 20.20 -5.56
C SER B 28 9.02 19.58 -5.27
N GLU B 29 8.29 20.10 -4.28
CA GLU B 29 6.95 19.63 -3.90
C GLU B 29 6.95 18.17 -3.51
N MET B 30 8.06 17.71 -2.92
CA MET B 30 8.17 16.37 -2.39
C MET B 30 7.63 16.27 -0.96
N ILE B 31 7.94 17.23 -0.10
CA ILE B 31 7.65 17.16 1.32
C ILE B 31 6.82 18.36 1.74
N GLU B 32 5.93 18.14 2.69
CA GLU B 32 5.28 19.23 3.41
C GLU B 32 5.43 18.97 4.89
N TYR B 33 5.50 20.04 5.67
CA TYR B 33 5.54 19.91 7.11
C TYR B 33 4.12 19.72 7.66
N HIS B 34 3.99 18.77 8.57
CA HIS B 34 2.75 18.52 9.29
C HIS B 34 2.74 19.42 10.53
N ASP B 35 1.56 19.66 11.10
CA ASP B 35 1.54 20.53 12.27
C ASP B 35 2.06 19.84 13.54
N ILE B 36 2.23 18.52 13.54
CA ILE B 36 2.94 17.83 14.60
C ILE B 36 4.43 17.85 14.25
N SER B 37 5.24 18.46 15.12
CA SER B 37 6.67 18.51 14.93
C SER B 37 7.25 17.13 14.61
N GLY B 38 8.06 17.06 13.57
CA GLY B 38 8.83 15.85 13.29
C GLY B 38 8.19 14.84 12.38
N CYS B 39 6.97 15.09 11.92
CA CYS B 39 6.33 14.22 10.95
C CYS B 39 6.14 14.99 9.65
N TYR B 40 6.23 14.28 8.53
CA TYR B 40 6.26 14.91 7.23
C TYR B 40 5.24 14.27 6.31
N ILE B 41 4.69 15.09 5.42
CA ILE B 41 3.76 14.66 4.37
C ILE B 41 4.58 14.31 3.15
N LEU B 42 4.35 13.11 2.61
CA LEU B 42 4.91 12.70 1.33
C LEU B 42 3.94 13.11 0.23
N ARG B 43 4.24 14.21 -0.46
CA ARG B 43 3.44 14.66 -1.58
C ARG B 43 3.63 13.72 -2.78
N PRO B 44 2.78 13.84 -3.81
CA PRO B 44 2.88 12.91 -4.96
C PRO B 44 4.26 12.81 -5.60
N TRP B 45 5.01 13.91 -5.71
CA TRP B 45 6.31 13.82 -6.37
C TRP B 45 7.22 12.83 -5.65
N ALA B 46 7.19 12.80 -4.32
CA ALA B 46 7.97 11.82 -3.56
C ALA B 46 7.34 10.44 -3.60
N TYR B 47 6.03 10.39 -3.34
CA TYR B 47 5.37 9.11 -3.28
C TYR B 47 5.61 8.30 -4.55
N ALA B 48 5.59 8.97 -5.71
CA ALA B 48 5.82 8.28 -6.98
C ALA B 48 7.19 7.61 -7.06
N ILE B 49 8.20 8.17 -6.38
CA ILE B 49 9.48 7.49 -6.35
C ILE B 49 9.36 6.23 -5.52
N TRP B 50 8.72 6.35 -4.36
CA TRP B 50 8.51 5.15 -3.56
C TRP B 50 7.78 4.06 -4.35
N GLU B 51 6.79 4.44 -5.18
CA GLU B 51 6.06 3.46 -6.01
C GLU B 51 6.98 2.82 -7.05
N ALA B 52 7.92 3.59 -7.62
CA ALA B 52 8.86 2.98 -8.56
C ALA B 52 9.72 1.94 -7.86
N ILE B 53 10.22 2.29 -6.68
CA ILE B 53 11.02 1.35 -5.91
C ILE B 53 10.21 0.10 -5.60
N LYS B 54 8.96 0.29 -5.20
CA LYS B 54 8.09 -0.83 -4.86
C LYS B 54 7.84 -1.73 -6.06
N ASP B 55 7.56 -1.15 -7.24
CA ASP B 55 7.38 -1.95 -8.44
C ASP B 55 8.53 -2.92 -8.64
N PHE B 56 9.76 -2.37 -8.74
CA PHE B 56 10.93 -3.24 -8.91
C PHE B 56 11.00 -4.31 -7.83
N PHE B 57 10.92 -3.88 -6.56
CA PHE B 57 11.28 -4.79 -5.47
C PHE B 57 10.23 -5.85 -5.24
N ASP B 58 8.96 -5.46 -5.36
CA ASP B 58 7.84 -6.39 -5.32
C ASP B 58 8.01 -7.49 -6.35
N ALA B 59 8.28 -7.11 -7.61
CA ALA B 59 8.46 -8.12 -8.65
C ALA B 59 9.60 -9.08 -8.31
N GLU B 60 10.74 -8.53 -7.87
CA GLU B 60 11.90 -9.37 -7.60
C GLU B 60 11.62 -10.36 -6.46
N ILE B 61 11.05 -9.90 -5.34
CA ILE B 61 10.88 -10.82 -4.23
C ILE B 61 9.75 -11.82 -4.53
N LYS B 62 8.81 -11.46 -5.43
CA LYS B 62 7.84 -12.44 -5.88
C LYS B 62 8.51 -13.56 -6.63
N LYS B 63 9.55 -13.24 -7.40
CA LYS B 63 10.32 -14.30 -8.02
C LYS B 63 10.99 -15.21 -6.99
N LEU B 64 11.23 -14.73 -5.78
CA LEU B 64 11.88 -15.56 -4.78
C LEU B 64 10.89 -16.40 -3.98
N GLY B 65 9.60 -16.25 -4.25
CA GLY B 65 8.60 -16.98 -3.52
C GLY B 65 8.00 -16.24 -2.36
N VAL B 66 8.30 -14.95 -2.21
CA VAL B 66 7.76 -14.13 -1.12
C VAL B 66 6.37 -13.64 -1.48
N GLU B 67 5.45 -13.64 -0.51
CA GLU B 67 4.07 -13.21 -0.71
C GLU B 67 3.71 -12.06 0.23
N ASN B 68 2.91 -11.12 -0.27
CA ASN B 68 2.48 -9.94 0.47
C ASN B 68 1.31 -10.24 1.41
N CYS B 69 1.28 -9.57 2.56
CA CYS B 69 0.19 -9.77 3.52
C CYS B 69 0.00 -8.46 4.27
N TYR B 70 -0.84 -8.49 5.31
CA TYR B 70 -0.93 -7.32 6.20
C TYR B 70 -1.24 -7.77 7.62
N PHE B 71 -0.34 -7.46 8.55
CA PHE B 71 -0.46 -7.75 9.97
C PHE B 71 -0.91 -6.51 10.73
N PRO B 72 -1.51 -6.69 11.91
CA PRO B 72 -1.99 -5.53 12.69
C PRO B 72 -0.84 -4.58 13.05
N MET B 73 -1.22 -3.32 13.23
CA MET B 73 -0.30 -2.27 13.63
C MET B 73 -0.06 -2.27 15.14
N PHE B 74 -0.84 -3.01 15.89
CA PHE B 74 -0.75 -2.99 17.34
C PHE B 74 -0.15 -4.27 17.88
N VAL B 75 0.57 -4.14 18.98
CA VAL B 75 1.15 -5.30 19.64
C VAL B 75 0.95 -5.18 21.14
N SER B 76 0.72 -6.32 21.79
CA SER B 76 0.47 -6.39 23.21
C SER B 76 1.77 -6.33 23.98
N GLN B 77 1.68 -5.88 25.25
CA GLN B 77 2.83 -5.87 26.14
C GLN B 77 3.53 -7.24 26.15
N SER B 78 2.75 -8.31 26.34
CA SER B 78 3.36 -9.62 26.55
C SER B 78 4.09 -10.12 25.31
N ALA B 79 3.53 -9.86 24.12
CA ALA B 79 4.20 -10.28 22.91
C ALA B 79 5.47 -9.46 22.66
N LEU B 80 5.46 -8.19 23.07
CA LEU B 80 6.55 -7.30 22.73
C LEU B 80 7.84 -7.66 23.46
N GLU B 81 7.72 -8.19 24.68
CA GLU B 81 8.88 -8.40 25.54
C GLU B 81 9.40 -9.85 25.54
N LYS B 82 8.92 -10.70 24.62
CA LYS B 82 9.29 -12.11 24.69
C LYS B 82 10.75 -12.35 24.30
N GLU B 83 11.30 -11.55 23.37
CA GLU B 83 12.73 -11.59 23.04
C GLU B 83 13.38 -10.40 23.74
N LYS B 84 14.27 -10.68 24.70
CA LYS B 84 14.64 -9.64 25.66
C LYS B 84 15.57 -8.59 25.05
N THR B 85 16.51 -9.03 24.24
CA THR B 85 17.42 -8.14 23.61
C THR B 85 16.69 -7.18 22.70
N HIS B 86 15.83 -7.71 21.88
CA HIS B 86 15.07 -6.92 20.93
C HIS B 86 14.19 -5.92 21.59
N VAL B 87 13.46 -6.34 22.59
CA VAL B 87 12.60 -5.41 23.25
C VAL B 87 13.33 -4.33 23.98
N ALA B 88 14.45 -4.62 24.57
CA ALA B 88 15.19 -3.63 25.27
C ALA B 88 15.67 -2.55 24.36
N ASP B 89 16.10 -2.91 23.16
CA ASP B 89 16.56 -1.94 22.24
C ASP B 89 15.44 -1.08 21.70
N PHE B 90 14.24 -1.63 21.57
CA PHE B 90 13.23 -0.78 20.97
C PHE B 90 12.32 -0.08 21.98
N ALA B 91 12.29 -0.52 23.25
CA ALA B 91 11.29 -0.02 24.20
C ALA B 91 11.22 1.50 24.35
N PRO B 92 12.33 2.25 24.48
CA PRO B 92 12.21 3.69 24.70
C PRO B 92 11.51 4.46 23.59
N GLU B 93 11.38 3.87 22.40
CA GLU B 93 10.81 4.53 21.22
C GLU B 93 9.47 3.95 20.80
N VAL B 94 8.88 3.07 21.61
CA VAL B 94 7.60 2.49 21.26
C VAL B 94 6.49 3.43 21.69
N ALA B 95 5.60 3.80 20.75
CA ALA B 95 4.44 4.63 21.10
C ALA B 95 3.31 3.79 21.65
N TRP B 96 2.64 4.27 22.70
CA TRP B 96 1.61 3.50 23.39
C TRP B 96 0.26 4.19 23.34
N VAL B 97 -0.76 3.44 22.90
CA VAL B 97 -2.14 3.88 22.95
C VAL B 97 -2.68 3.52 24.33
N THR B 98 -3.23 4.51 25.03
CA THR B 98 -3.70 4.26 26.39
C THR B 98 -5.17 4.58 26.59
N ARG B 99 -5.86 5.12 25.58
CA ARG B 99 -7.30 5.33 25.67
C ARG B 99 -7.91 5.52 24.30
N SER B 100 -9.20 5.23 24.23
CA SER B 100 -10.05 5.52 23.08
C SER B 100 -11.12 6.48 23.55
N GLY B 101 -11.32 7.57 22.83
CA GLY B 101 -12.11 8.66 23.37
C GLY B 101 -11.55 9.05 24.73
N LYS B 102 -12.44 9.12 25.72
CA LYS B 102 -12.08 9.40 27.11
C LYS B 102 -11.86 8.14 27.93
N THR B 103 -12.30 6.98 27.43
CA THR B 103 -12.19 5.71 28.15
C THR B 103 -10.75 5.22 28.17
N GLU B 104 -10.10 5.25 29.33
CA GLU B 104 -8.79 4.63 29.46
C GLU B 104 -8.88 3.16 29.06
N LEU B 105 -7.91 2.68 28.30
CA LEU B 105 -7.94 1.29 27.89
C LEU B 105 -7.60 0.38 29.06
N ALA B 106 -8.16 -0.82 29.04
CA ALA B 106 -7.88 -1.80 30.08
C ALA B 106 -6.39 -2.08 30.17
N GLU B 107 -5.76 -2.31 29.02
CA GLU B 107 -4.33 -2.57 28.89
C GLU B 107 -3.78 -1.66 27.78
N PRO B 108 -2.70 -0.92 28.02
CA PRO B 108 -2.10 -0.15 26.92
C PRO B 108 -1.61 -1.10 25.85
N ILE B 109 -1.79 -0.71 24.59
CA ILE B 109 -1.30 -1.46 23.46
C ILE B 109 -0.31 -0.60 22.68
N ALA B 110 0.69 -1.25 22.12
CA ALA B 110 1.81 -0.59 21.45
C ALA B 110 1.60 -0.53 19.95
N ILE B 111 2.15 0.52 19.34
CA ILE B 111 2.24 0.59 17.89
C ILE B 111 3.55 -0.04 17.45
N ARG B 112 3.50 -0.84 16.37
CA ARG B 112 4.68 -1.55 15.90
C ARG B 112 5.82 -0.58 15.58
N PRO B 113 7.02 -0.78 16.14
CA PRO B 113 8.24 -0.21 15.57
C PRO B 113 8.83 -1.08 14.48
N THR B 114 8.39 -2.33 14.38
CA THR B 114 8.84 -3.40 13.50
C THR B 114 8.00 -4.59 13.91
N SER B 115 7.83 -5.57 13.01
CA SER B 115 6.70 -6.49 13.20
C SER B 115 7.10 -7.91 13.61
N GLU B 116 8.32 -8.14 14.08
CA GLU B 116 8.70 -9.48 14.53
C GLU B 116 7.72 -10.01 15.57
N THR B 117 7.40 -9.20 16.59
CA THR B 117 6.58 -9.66 17.70
C THR B 117 5.10 -9.60 17.39
N VAL B 118 4.71 -9.01 16.26
CA VAL B 118 3.35 -9.11 15.75
C VAL B 118 3.17 -10.41 14.98
N MET B 119 4.14 -10.74 14.12
CA MET B 119 3.96 -11.82 13.17
C MET B 119 4.28 -13.19 13.74
N TYR B 120 5.24 -13.29 14.66
CA TYR B 120 5.77 -14.60 14.98
C TYR B 120 4.87 -15.49 15.85
N PRO B 121 3.95 -14.96 16.67
CA PRO B 121 2.92 -15.87 17.22
C PRO B 121 2.14 -16.57 16.11
N ALA B 122 1.77 -15.83 15.06
CA ALA B 122 1.04 -16.44 13.96
C ALA B 122 1.90 -17.49 13.24
N TYR B 123 3.19 -17.20 13.03
CA TYR B 123 4.09 -18.18 12.45
C TYR B 123 4.09 -19.47 13.25
N ALA B 124 4.10 -19.35 14.58
CA ALA B 124 4.09 -20.55 15.41
C ALA B 124 2.80 -21.34 15.23
N LYS B 125 1.68 -20.64 15.03
CA LYS B 125 0.44 -21.35 14.66
C LYS B 125 0.55 -22.03 13.30
N TRP B 126 1.22 -21.39 12.33
CA TRP B 126 1.17 -21.87 10.94
C TRP B 126 2.13 -23.02 10.66
N VAL B 127 3.15 -23.21 11.47
CA VAL B 127 4.13 -24.27 11.24
C VAL B 127 3.71 -25.47 12.07
N GLN B 128 3.13 -26.46 11.40
CA GLN B 128 2.62 -27.67 12.01
C GLN B 128 3.55 -28.86 11.81
N SER B 129 4.50 -28.74 10.89
CA SER B 129 5.22 -29.86 10.33
C SER B 129 6.32 -29.29 9.44
N HIS B 130 7.25 -30.16 9.04
CA HIS B 130 8.31 -29.71 8.14
CA HIS B 130 8.31 -29.75 8.12
C HIS B 130 7.73 -29.16 6.84
N ARG B 131 6.56 -29.65 6.41
CA ARG B 131 5.99 -29.28 5.12
C ARG B 131 5.37 -27.89 5.11
N ASP B 132 5.16 -27.26 6.26
CA ASP B 132 4.66 -25.90 6.28
C ASP B 132 5.76 -24.88 6.06
N LEU B 133 7.04 -25.31 5.99
CA LEU B 133 8.12 -24.38 5.71
C LEU B 133 8.59 -24.55 4.26
N PRO B 134 9.15 -23.49 3.65
CA PRO B 134 9.36 -22.16 4.24
C PRO B 134 8.11 -21.31 4.28
N ILE B 135 8.11 -20.34 5.20
CA ILE B 135 7.14 -19.25 5.23
C ILE B 135 7.88 -18.00 4.76
N LYS B 136 7.37 -17.35 3.73
CA LYS B 136 8.02 -16.16 3.18
C LYS B 136 6.97 -15.06 3.01
N LEU B 137 6.98 -14.09 3.91
CA LEU B 137 5.98 -13.04 3.88
C LEU B 137 6.62 -11.67 3.86
N ASN B 138 5.98 -10.74 3.15
CA ASN B 138 6.39 -9.35 3.10
C ASN B 138 5.20 -8.45 3.32
N GLN B 139 5.44 -7.26 3.86
CA GLN B 139 4.36 -6.29 3.89
C GLN B 139 4.87 -4.87 3.66
N TRP B 140 4.10 -4.11 2.89
CA TRP B 140 4.30 -2.68 2.68
C TRP B 140 3.43 -1.94 3.70
N CYS B 141 4.04 -1.22 4.63
CA CYS B 141 3.24 -0.66 5.71
C CYS B 141 4.00 0.50 6.33
N ASN B 142 3.40 1.08 7.37
CA ASN B 142 4.02 2.15 8.15
C ASN B 142 4.41 1.63 9.54
N VAL B 143 5.55 2.10 10.05
CA VAL B 143 5.95 1.82 11.42
C VAL B 143 6.30 3.13 12.12
N VAL B 144 6.28 3.09 13.46
CA VAL B 144 6.53 4.28 14.27
C VAL B 144 7.70 3.97 15.20
N ARG B 145 8.66 4.89 15.25
CA ARG B 145 9.81 4.80 16.16
C ARG B 145 9.95 6.20 16.76
N TRP B 146 9.30 6.42 17.90
CA TRP B 146 9.14 7.77 18.43
C TRP B 146 10.38 8.18 19.23
N GLU B 147 11.47 8.42 18.51
CA GLU B 147 12.67 8.98 19.13
C GLU B 147 12.49 10.48 19.32
N PHE B 148 13.06 11.00 20.39
CA PHE B 148 12.93 12.42 20.67
C PHE B 148 14.07 13.24 20.10
N LYS B 149 15.03 12.61 19.41
CA LYS B 149 16.10 13.32 18.74
C LYS B 149 15.55 14.15 17.58
N HIS B 150 16.42 14.93 16.97
CA HIS B 150 15.97 15.82 15.90
C HIS B 150 15.67 15.06 14.62
N PRO B 151 14.44 15.08 14.13
CA PRO B 151 14.10 14.33 12.92
C PRO B 151 14.64 15.01 11.68
N GLN B 152 14.77 14.22 10.61
CA GLN B 152 15.16 14.75 9.33
C GLN B 152 14.36 14.07 8.23
N PRO B 153 13.70 14.85 7.37
CA PRO B 153 12.81 14.26 6.36
C PRO B 153 13.50 13.15 5.58
N PHE B 154 12.76 12.07 5.37
CA PHE B 154 13.22 10.87 4.69
C PHE B 154 14.24 10.07 5.49
N LEU B 155 15.32 10.70 5.95
CA LEU B 155 16.44 9.94 6.49
C LEU B 155 16.15 9.40 7.89
N ARG B 156 15.58 10.22 8.77
CA ARG B 156 15.35 9.80 10.16
C ARG B 156 14.01 10.38 10.63
N THR B 157 12.95 9.55 10.64
CA THR B 157 11.61 10.10 10.91
C THR B 157 10.85 9.21 11.89
N ARG B 158 9.92 9.83 12.64
CA ARG B 158 9.24 9.12 13.72
C ARG B 158 8.26 8.11 13.17
N GLU B 159 7.71 8.36 11.99
CA GLU B 159 6.87 7.43 11.27
C GLU B 159 7.42 7.35 9.85
N PHE B 160 7.51 6.15 9.29
CA PHE B 160 7.95 6.03 7.91
C PHE B 160 7.33 4.82 7.26
N LEU B 161 7.16 4.92 5.94
CA LEU B 161 6.79 3.76 5.13
C LEU B 161 8.01 2.88 4.88
N TRP B 162 7.78 1.57 4.83
CA TRP B 162 8.83 0.63 4.45
C TRP B 162 8.19 -0.61 3.85
N GLN B 163 9.03 -1.61 3.64
CA GLN B 163 8.64 -2.99 3.39
C GLN B 163 9.43 -3.81 4.38
N GLU B 164 8.82 -4.74 5.05
CA GLU B 164 9.54 -5.64 5.93
C GLU B 164 9.21 -7.07 5.55
N GLY B 165 10.25 -7.85 5.22
CA GLY B 165 10.10 -9.24 4.86
C GLY B 165 10.57 -10.13 6.01
N HIS B 166 9.89 -11.24 6.19
CA HIS B 166 10.09 -12.14 7.34
C HIS B 166 9.97 -13.56 6.84
N SER B 167 11.07 -14.29 6.87
CA SER B 167 11.13 -15.65 6.34
C SER B 167 11.56 -16.62 7.43
N ALA B 168 10.90 -17.78 7.44
CA ALA B 168 11.22 -18.89 8.32
C ALA B 168 11.55 -20.11 7.47
N PHE B 169 12.65 -20.78 7.79
CA PHE B 169 13.08 -21.96 7.04
C PHE B 169 13.33 -23.13 7.99
N ALA B 170 13.51 -24.31 7.40
CA ALA B 170 13.85 -25.50 8.17
C ALA B 170 15.35 -25.66 8.39
N THR B 171 16.18 -25.16 7.47
CA THR B 171 17.63 -25.30 7.58
C THR B 171 18.29 -23.94 7.48
N MET B 172 19.40 -23.80 8.19
CA MET B 172 20.15 -22.56 8.15
C MET B 172 20.68 -22.25 6.75
N GLU B 173 20.99 -23.28 5.94
CA GLU B 173 21.56 -23.02 4.61
C GLU B 173 20.61 -22.21 3.75
N GLU B 174 19.31 -22.56 3.79
CA GLU B 174 18.29 -21.79 3.06
C GLU B 174 18.23 -20.34 3.55
N ALA B 175 18.11 -20.16 4.86
CA ALA B 175 18.00 -18.81 5.41
C ALA B 175 19.21 -17.97 5.01
N ALA B 176 20.40 -18.54 5.15
CA ALA B 176 21.63 -17.84 4.81
C ALA B 176 21.63 -17.42 3.34
N GLU B 177 21.14 -18.30 2.46
CA GLU B 177 21.07 -17.93 1.05
C GLU B 177 20.16 -16.73 0.84
N GLU B 178 18.99 -16.75 1.47
CA GLU B 178 18.03 -15.66 1.25
C GLU B 178 18.59 -14.33 1.75
N VAL B 179 19.26 -14.33 2.91
CA VAL B 179 19.81 -13.08 3.46
C VAL B 179 20.58 -12.33 2.38
N LEU B 180 21.50 -13.03 1.71
CA LEU B 180 22.35 -12.44 0.69
C LEU B 180 21.59 -12.10 -0.59
N GLN B 181 20.58 -12.91 -0.97
CA GLN B 181 19.80 -12.55 -2.15
C GLN B 181 19.08 -11.23 -1.96
N ILE B 182 18.48 -11.06 -0.78
CA ILE B 182 17.79 -9.82 -0.50
C ILE B 182 18.79 -8.65 -0.45
N LEU B 183 19.92 -8.85 0.24
CA LEU B 183 20.91 -7.76 0.26
C LEU B 183 21.28 -7.35 -1.16
N ASP B 184 21.40 -8.33 -2.07
CA ASP B 184 21.71 -8.00 -3.45
C ASP B 184 20.59 -7.18 -4.11
N LEU B 185 19.33 -7.51 -3.83
CA LEU B 185 18.24 -6.68 -4.37
C LEU B 185 18.28 -5.25 -3.81
N TYR B 186 18.65 -5.10 -2.55
CA TYR B 186 18.78 -3.75 -1.99
C TYR B 186 19.88 -2.97 -2.70
N ALA B 187 21.02 -3.62 -2.93
CA ALA B 187 22.08 -2.97 -3.71
C ALA B 187 21.59 -2.63 -5.12
N GLN B 188 20.69 -3.44 -5.69
CA GLN B 188 20.17 -3.12 -7.02
C GLN B 188 19.24 -1.92 -6.97
N VAL B 189 18.40 -1.82 -5.94
CA VAL B 189 17.58 -0.62 -5.80
C VAL B 189 18.49 0.61 -5.79
N TYR B 190 19.55 0.57 -4.99
CA TYR B 190 20.36 1.77 -4.84
C TYR B 190 21.17 2.07 -6.09
N GLU B 191 21.77 1.03 -6.71
CA GLU B 191 22.71 1.20 -7.81
C GLU B 191 22.04 1.23 -9.18
N GLU B 192 21.09 0.33 -9.47
CA GLU B 192 20.47 0.35 -10.79
C GLU B 192 19.34 1.35 -10.88
N LEU B 193 18.53 1.49 -9.82
CA LEU B 193 17.38 2.40 -9.83
C LEU B 193 17.75 3.83 -9.46
N LEU B 194 18.45 4.00 -8.34
CA LEU B 194 18.72 5.33 -7.80
C LEU B 194 20.07 5.88 -8.27
N ALA B 195 20.83 5.08 -9.02
CA ALA B 195 22.17 5.46 -9.46
C ALA B 195 23.06 5.86 -8.28
N ILE B 196 22.94 5.15 -7.17
CA ILE B 196 23.73 5.41 -5.97
C ILE B 196 24.61 4.19 -5.68
N PRO B 197 25.94 4.33 -5.66
CA PRO B 197 26.80 3.20 -5.32
C PRO B 197 26.75 2.88 -3.83
N VAL B 198 26.91 1.60 -3.50
CA VAL B 198 26.88 1.18 -2.11
C VAL B 198 27.96 0.15 -1.79
N VAL B 199 28.30 0.07 -0.51
CA VAL B 199 29.24 -0.91 0.02
C VAL B 199 28.44 -1.95 0.79
N LYS B 200 28.53 -3.22 0.37
CA LYS B 200 27.93 -4.32 1.11
C LYS B 200 28.84 -4.76 2.26
N GLY B 201 28.26 -5.10 3.39
CA GLY B 201 29.06 -5.60 4.49
C GLY B 201 28.22 -6.16 5.61
N ARG B 202 28.92 -6.54 6.68
CA ARG B 202 28.31 -7.07 7.90
C ARG B 202 28.49 -6.07 9.04
N LYS B 203 27.46 -5.93 9.88
CA LYS B 203 27.58 -5.09 11.07
C LYS B 203 28.44 -5.76 12.12
N THR B 204 29.26 -4.95 12.81
CA THR B 204 30.02 -5.44 13.96
C THR B 204 29.07 -5.93 15.06
N GLU B 205 29.64 -6.65 16.02
CA GLU B 205 28.85 -7.11 17.17
C GLU B 205 28.04 -5.98 17.79
N LYS B 206 28.66 -4.79 17.93
CA LYS B 206 27.99 -3.67 18.56
C LYS B 206 26.74 -3.24 17.79
N GLU B 207 26.84 -3.19 16.46
CA GLU B 207 25.84 -2.52 15.65
C GLU B 207 24.81 -3.46 15.02
N LYS B 208 24.88 -4.75 15.30
CA LYS B 208 23.94 -5.68 14.67
C LYS B 208 22.55 -5.55 15.29
N PHE B 209 21.54 -5.90 14.50
CA PHE B 209 20.15 -5.87 14.94
C PHE B 209 19.99 -6.62 16.27
N ALA B 210 19.38 -5.93 17.23
CA ALA B 210 19.21 -6.51 18.56
C ALA B 210 18.27 -7.70 18.45
N GLY B 211 18.72 -8.86 18.92
CA GLY B 211 17.96 -10.08 18.85
C GLY B 211 18.30 -10.95 17.65
N GLY B 212 19.18 -10.49 16.76
CA GLY B 212 19.63 -11.26 15.63
C GLY B 212 21.04 -11.81 15.86
N ASP B 213 21.42 -12.74 14.98
CA ASP B 213 22.76 -13.32 14.99
C ASP B 213 23.73 -12.49 14.15
N TYR B 214 23.36 -12.12 12.92
CA TYR B 214 24.19 -11.20 12.16
C TYR B 214 23.34 -10.33 11.23
N THR B 215 23.91 -9.20 10.87
CA THR B 215 23.20 -8.19 10.09
C THR B 215 24.04 -7.82 8.87
N THR B 216 23.50 -8.03 7.67
CA THR B 216 24.13 -7.57 6.45
C THR B 216 23.50 -6.25 6.05
N THR B 217 24.31 -5.37 5.45
CA THR B 217 23.86 -4.00 5.23
C THR B 217 24.46 -3.45 3.95
N ILE B 218 23.85 -2.38 3.44
CA ILE B 218 24.40 -1.60 2.33
C ILE B 218 24.60 -0.18 2.84
N GLU B 219 25.81 0.35 2.63
CA GLU B 219 26.20 1.66 3.15
C GLU B 219 26.42 2.62 1.98
N ALA B 220 25.78 3.78 2.03
CA ALA B 220 25.99 4.84 1.05
C ALA B 220 26.69 6.03 1.69
N PHE B 221 27.26 6.89 0.85
CA PHE B 221 28.08 8.00 1.31
C PHE B 221 27.58 9.32 0.73
N ILE B 222 27.32 10.28 1.59
CA ILE B 222 26.87 11.61 1.19
C ILE B 222 28.09 12.54 1.34
N SER B 223 28.72 12.90 0.22
CA SER B 223 29.95 13.68 0.33
C SER B 223 29.72 15.10 0.77
N ALA B 224 28.58 15.71 0.44
CA ALA B 224 28.30 17.04 0.96
C ALA B 224 28.37 17.08 2.48
N SER B 225 28.12 15.94 3.13
CA SER B 225 28.10 15.80 4.58
C SER B 225 29.39 15.24 5.17
N GLY B 226 30.15 14.45 4.40
CA GLY B 226 31.15 13.60 4.99
C GLY B 226 30.61 12.48 5.85
N ARG B 227 29.31 12.19 5.77
CA ARG B 227 28.69 11.18 6.61
C ARG B 227 28.10 10.08 5.76
N ALA B 228 28.15 8.87 6.28
CA ALA B 228 27.58 7.70 5.62
C ALA B 228 26.21 7.40 6.24
N ILE B 229 25.43 6.59 5.53
CA ILE B 229 24.07 6.27 5.96
C ILE B 229 23.76 4.81 5.60
N GLN B 230 23.06 4.14 6.50
CA GLN B 230 22.68 2.75 6.29
C GLN B 230 21.48 2.71 5.35
N GLY B 231 21.66 2.09 4.18
CA GLY B 231 20.66 2.18 3.13
C GLY B 231 19.50 1.17 3.21
N GLY B 232 19.71 0.06 3.89
CA GLY B 232 18.84 -1.11 3.81
C GLY B 232 19.53 -2.26 4.51
N THR B 233 18.78 -3.18 5.13
CA THR B 233 19.42 -4.21 5.94
C THR B 233 18.68 -5.53 5.80
N SER B 234 19.47 -6.60 5.86
CA SER B 234 18.97 -7.97 5.78
C SER B 234 19.61 -8.72 6.93
N HIS B 235 18.77 -9.17 7.88
CA HIS B 235 19.23 -9.83 9.10
C HIS B 235 18.98 -11.33 9.04
N HIS B 236 19.91 -12.09 9.59
CA HIS B 236 19.66 -13.48 9.93
C HIS B 236 19.34 -13.54 11.42
N LEU B 237 18.09 -13.81 11.75
CA LEU B 237 17.69 -13.89 13.14
C LEU B 237 18.03 -15.24 13.76
N GLY B 238 18.54 -16.18 12.98
CA GLY B 238 18.84 -17.49 13.50
C GLY B 238 17.64 -18.08 14.19
N GLN B 239 17.87 -18.71 15.33
CA GLN B 239 16.80 -19.29 16.13
C GLN B 239 16.41 -18.45 17.34
N ASN B 240 16.90 -17.20 17.44
CA ASN B 240 16.63 -16.39 18.63
C ASN B 240 15.15 -16.13 18.83
N PHE B 241 14.40 -15.92 17.75
CA PHE B 241 12.99 -15.62 17.89
C PHE B 241 12.13 -16.88 17.96
N SER B 242 12.50 -17.95 17.26
CA SER B 242 11.63 -19.13 17.23
C SER B 242 11.65 -19.89 18.55
N LYS B 243 12.75 -19.82 19.32
CA LYS B 243 12.75 -20.40 20.66
C LYS B 243 11.91 -19.59 21.64
N MET B 244 11.71 -18.29 21.39
CA MET B 244 10.87 -17.50 22.28
C MET B 244 9.39 -17.64 21.93
N PHE B 245 9.07 -17.72 20.64
CA PHE B 245 7.68 -17.80 20.19
C PHE B 245 7.26 -19.22 19.82
N GLU B 246 8.14 -20.21 20.00
CA GLU B 246 7.84 -21.63 19.80
C GLU B 246 7.46 -21.94 18.35
N ILE B 247 8.31 -21.51 17.42
CA ILE B 247 8.13 -21.85 16.01
C ILE B 247 8.89 -23.13 15.77
N VAL B 248 8.18 -24.26 15.77
CA VAL B 248 8.80 -25.58 15.77
C VAL B 248 8.11 -26.52 14.78
N PHE B 249 8.87 -27.53 14.38
CA PHE B 249 8.40 -28.64 13.56
C PHE B 249 9.19 -29.88 13.96
N GLU B 250 8.58 -31.04 13.76
CA GLU B 250 9.26 -32.29 14.06
C GLU B 250 10.26 -32.61 12.95
N ASP B 251 11.42 -33.11 13.36
CA ASP B 251 12.41 -33.57 12.39
C ASP B 251 11.82 -34.69 11.55
N PRO B 252 11.84 -34.59 10.21
CA PRO B 252 11.28 -35.66 9.39
C PRO B 252 11.94 -37.02 9.59
N LYS B 253 13.16 -37.07 10.12
CA LYS B 253 13.87 -38.33 10.32
C LYS B 253 13.96 -38.78 11.77
N ILE B 254 13.99 -37.86 12.74
CA ILE B 254 14.05 -38.28 14.13
C ILE B 254 12.66 -38.13 14.76
N PRO B 255 11.92 -39.22 14.93
CA PRO B 255 10.56 -39.08 15.47
C PRO B 255 10.57 -38.53 16.88
N GLY B 256 9.77 -37.49 17.11
CA GLY B 256 9.63 -36.87 18.40
C GLY B 256 10.47 -35.62 18.60
N GLU B 257 11.56 -35.45 17.86
CA GLU B 257 12.47 -34.34 18.13
C GLU B 257 11.97 -33.06 17.47
N LYS B 258 11.68 -32.06 18.29
CA LYS B 258 11.27 -30.76 17.79
C LYS B 258 12.50 -29.95 17.40
N GLN B 259 12.39 -29.21 16.31
CA GLN B 259 13.44 -28.32 15.82
C GLN B 259 12.87 -26.92 15.74
N PHE B 260 13.72 -25.92 15.97
CA PHE B 260 13.33 -24.52 15.89
C PHE B 260 13.69 -23.97 14.52
N ALA B 261 12.76 -23.24 13.91
CA ALA B 261 12.95 -22.73 12.57
C ALA B 261 14.02 -21.64 12.55
N TYR B 262 14.70 -21.51 11.40
CA TYR B 262 15.70 -20.47 11.18
C TYR B 262 15.03 -19.33 10.42
N GLN B 263 15.16 -18.10 10.93
CA GLN B 263 14.42 -16.95 10.45
C GLN B 263 15.32 -15.81 10.00
N ASN B 264 14.86 -15.09 8.98
CA ASN B 264 15.43 -13.81 8.56
C ASN B 264 14.37 -12.74 8.63
N SER B 265 14.83 -11.48 8.63
CA SER B 265 13.99 -10.32 8.33
C SER B 265 14.84 -9.26 7.65
N TRP B 266 14.19 -8.46 6.81
CA TRP B 266 14.90 -7.52 5.96
C TRP B 266 13.99 -6.34 5.68
N GLY B 267 14.55 -5.13 5.70
CA GLY B 267 13.75 -3.94 5.51
C GLY B 267 14.44 -2.88 4.64
N LEU B 268 13.60 -2.08 3.99
CA LEU B 268 14.01 -0.96 3.13
C LEU B 268 12.95 0.13 3.31
N THR B 269 13.36 1.38 3.51
CA THR B 269 12.39 2.44 3.80
C THR B 269 12.52 3.62 2.83
N THR B 270 11.65 4.62 3.04
CA THR B 270 11.71 5.84 2.22
C THR B 270 12.98 6.67 2.47
N ARG B 271 13.84 6.26 3.41
CA ARG B 271 15.18 6.86 3.49
C ARG B 271 15.85 6.88 2.12
N THR B 272 15.54 5.90 1.27
CA THR B 272 16.00 5.85 -0.11
C THR B 272 15.91 7.19 -0.81
N ILE B 273 14.70 7.75 -0.80
CA ILE B 273 14.46 9.02 -1.47
C ILE B 273 15.37 10.11 -0.91
N GLY B 274 15.53 10.14 0.41
CA GLY B 274 16.38 11.16 1.01
C GLY B 274 17.81 11.04 0.53
N VAL B 275 18.33 9.80 0.47
CA VAL B 275 19.70 9.62 0.00
C VAL B 275 19.81 10.05 -1.45
N MET B 276 18.80 9.69 -2.26
CA MET B 276 18.80 10.13 -3.66
C MET B 276 18.90 11.64 -3.75
N THR B 277 18.16 12.34 -2.89
CA THR B 277 18.21 13.80 -2.91
C THR B 277 19.58 14.31 -2.48
N MET B 278 20.18 13.71 -1.45
CA MET B 278 21.43 14.22 -0.93
C MET B 278 22.57 13.95 -1.89
N VAL B 279 22.50 12.82 -2.61
CA VAL B 279 23.57 12.41 -3.52
C VAL B 279 23.52 13.20 -4.82
N HIS B 280 22.35 13.24 -5.49
CA HIS B 280 22.28 13.80 -6.84
C HIS B 280 21.83 15.26 -6.92
N GLY B 281 21.27 15.83 -5.86
CA GLY B 281 20.77 17.19 -5.94
C GLY B 281 21.88 18.20 -6.15
N ASP B 282 21.53 19.31 -6.77
CA ASP B 282 22.49 20.38 -7.04
C ASP B 282 21.86 21.71 -6.66
N ASN B 283 22.50 22.80 -7.08
CA ASN B 283 22.05 24.13 -6.68
C ASN B 283 20.90 24.62 -7.53
N MET B 284 20.43 23.82 -8.47
CA MET B 284 19.20 24.08 -9.18
C MET B 284 18.02 23.32 -8.58
N GLY B 285 18.27 22.35 -7.70
CA GLY B 285 17.20 21.63 -7.04
C GLY B 285 17.35 20.12 -7.10
N LEU B 286 16.23 19.42 -7.11
CA LEU B 286 16.21 17.97 -7.23
C LEU B 286 16.76 17.53 -8.59
N VAL B 287 17.29 16.30 -8.63
CA VAL B 287 17.73 15.65 -9.87
C VAL B 287 17.32 14.19 -9.81
N LEU B 288 16.39 13.76 -10.69
CA LEU B 288 15.83 12.40 -10.64
C LEU B 288 16.59 11.45 -11.55
N PRO B 289 17.07 10.31 -11.07
CA PRO B 289 17.51 9.25 -12.00
C PRO B 289 16.35 8.81 -12.89
N PRO B 290 16.58 8.68 -14.20
CA PRO B 290 15.46 8.38 -15.12
C PRO B 290 14.71 7.11 -14.76
N ARG B 291 15.37 6.16 -14.09
CA ARG B 291 14.73 4.89 -13.79
C ARG B 291 13.59 5.04 -12.78
N VAL B 292 13.65 6.04 -11.90
CA VAL B 292 12.60 6.26 -10.91
C VAL B 292 11.80 7.53 -11.17
N ALA B 293 12.09 8.27 -12.23
CA ALA B 293 11.42 9.53 -12.48
C ALA B 293 9.98 9.30 -12.90
N CYS B 294 9.03 9.80 -12.07
CA CYS B 294 7.61 9.87 -12.42
C CYS B 294 7.44 10.38 -13.84
N VAL B 295 8.04 11.52 -14.13
CA VAL B 295 8.06 12.13 -15.48
C VAL B 295 9.50 12.09 -15.95
N GLN B 296 9.73 11.44 -17.09
CA GLN B 296 11.07 11.38 -17.65
C GLN B 296 11.32 12.52 -18.62
N VAL B 297 10.29 12.91 -19.35
CA VAL B 297 10.38 13.99 -20.33
C VAL B 297 9.17 14.88 -20.14
N VAL B 298 9.38 16.16 -19.94
CA VAL B 298 8.32 17.15 -19.91
C VAL B 298 8.41 17.95 -21.20
N ILE B 299 7.29 18.07 -21.91
CA ILE B 299 7.20 18.80 -23.16
C ILE B 299 6.65 20.18 -22.84
N ILE B 300 7.36 21.23 -23.22
CA ILE B 300 6.93 22.58 -22.89
C ILE B 300 6.84 23.41 -24.15
N PRO B 301 5.64 23.87 -24.54
CA PRO B 301 5.54 24.83 -25.65
C PRO B 301 6.07 26.19 -25.23
N CYS B 302 6.83 26.80 -26.12
CA CYS B 302 7.42 28.12 -25.90
C CYS B 302 7.01 29.05 -27.02
N GLY B 303 7.21 30.34 -26.79
CA GLY B 303 7.02 31.33 -27.83
C GLY B 303 5.59 31.65 -28.17
N ILE B 304 4.61 31.26 -27.35
CA ILE B 304 3.25 31.74 -27.57
C ILE B 304 3.19 33.22 -27.19
N THR B 305 2.63 34.02 -28.09
CA THR B 305 2.45 35.45 -27.85
C THR B 305 1.04 35.79 -28.30
N ASN B 306 0.62 37.01 -27.99
CA ASN B 306 -0.60 37.51 -28.61
C ASN B 306 -0.43 37.65 -30.12
N ALA B 307 0.82 37.75 -30.59
CA ALA B 307 1.07 37.91 -32.02
C ALA B 307 0.74 36.63 -32.80
N LEU B 308 1.01 35.47 -32.21
CA LEU B 308 0.92 34.20 -32.91
C LEU B 308 -0.53 33.86 -33.26
N SER B 309 -0.75 33.45 -34.52
CA SER B 309 -2.09 33.18 -35.02
C SER B 309 -2.68 31.95 -34.34
N GLU B 310 -4.01 31.88 -34.36
CA GLU B 310 -4.67 30.70 -33.82
C GLU B 310 -4.29 29.45 -34.61
N GLU B 311 -4.14 29.59 -35.93
CA GLU B 311 -3.62 28.49 -36.75
C GLU B 311 -2.29 28.00 -36.20
N ASP B 312 -1.34 28.93 -35.97
CA ASP B 312 -0.01 28.55 -35.52
C ASP B 312 -0.03 27.98 -34.12
N LYS B 313 -0.80 28.59 -33.20
CA LYS B 313 -0.85 28.06 -31.84
C LYS B 313 -1.42 26.65 -31.81
N GLU B 314 -2.49 26.40 -32.57
CA GLU B 314 -3.10 25.08 -32.50
C GLU B 314 -2.21 24.04 -33.17
N ALA B 315 -1.54 24.41 -34.27
CA ALA B 315 -0.54 23.50 -34.82
C ALA B 315 0.58 23.20 -33.81
N LEU B 316 1.04 24.22 -33.06
CA LEU B 316 2.10 23.99 -32.09
C LEU B 316 1.65 23.00 -31.01
N ILE B 317 0.45 23.21 -30.47
CA ILE B 317 -0.08 22.31 -29.45
C ILE B 317 -0.19 20.88 -30.00
N ALA B 318 -0.60 20.76 -31.27
CA ALA B 318 -0.73 19.43 -31.86
C ALA B 318 0.63 18.76 -32.05
N LYS B 319 1.65 19.55 -32.39
CA LYS B 319 3.00 18.98 -32.47
C LYS B 319 3.46 18.48 -31.12
N CYS B 320 3.13 19.23 -30.06
CA CYS B 320 3.47 18.77 -28.71
C CYS B 320 2.77 17.46 -28.40
N ASN B 321 1.49 17.35 -28.76
CA ASN B 321 0.77 16.13 -28.47
C ASN B 321 1.29 14.96 -29.31
N ASP B 322 1.88 15.25 -30.48
CA ASP B 322 2.38 14.13 -31.26
C ASP B 322 3.71 13.64 -30.72
N TYR B 323 4.56 14.54 -30.19
CA TYR B 323 5.69 14.06 -29.40
C TYR B 323 5.22 13.26 -28.20
N ARG B 324 4.13 13.69 -27.56
CA ARG B 324 3.60 12.95 -26.42
C ARG B 324 3.24 11.52 -26.81
N ARG B 325 2.44 11.39 -27.89
CA ARG B 325 2.04 10.06 -28.36
C ARG B 325 3.24 9.20 -28.70
N ARG B 326 4.20 9.77 -29.44
CA ARG B 326 5.32 8.96 -29.88
C ARG B 326 6.18 8.52 -28.71
N LEU B 327 6.33 9.37 -27.69
CA LEU B 327 7.15 8.96 -26.54
C LEU B 327 6.42 7.93 -25.70
N LEU B 328 5.12 8.13 -25.45
CA LEU B 328 4.32 7.09 -24.81
C LEU B 328 4.45 5.77 -25.55
N SER B 329 4.54 5.84 -26.88
CA SER B 329 4.60 4.64 -27.71
C SER B 329 5.85 3.81 -27.39
N VAL B 330 6.97 4.47 -27.11
CA VAL B 330 8.21 3.77 -26.81
C VAL B 330 8.41 3.57 -25.31
N ASN B 331 7.35 3.76 -24.51
CA ASN B 331 7.38 3.52 -23.06
C ASN B 331 8.29 4.50 -22.32
N ILE B 332 8.47 5.67 -22.90
CA ILE B 332 9.01 6.80 -22.14
C ILE B 332 7.88 7.47 -21.38
N ARG B 333 8.03 7.62 -20.08
CA ARG B 333 7.05 8.32 -19.25
C ARG B 333 7.12 9.82 -19.53
N VAL B 334 6.12 10.35 -20.22
CA VAL B 334 6.15 11.73 -20.72
C VAL B 334 4.95 12.50 -20.19
N ARG B 335 5.18 13.76 -19.83
CA ARG B 335 4.10 14.71 -19.60
C ARG B 335 4.19 15.85 -20.60
N ALA B 336 3.07 16.18 -21.24
CA ALA B 336 2.93 17.42 -22.01
C ALA B 336 2.32 18.48 -21.09
N ASP B 337 3.09 19.53 -20.79
CA ASP B 337 2.61 20.63 -19.94
C ASP B 337 2.10 21.73 -20.87
N LEU B 338 0.85 21.57 -21.29
CA LEU B 338 0.23 22.47 -22.25
C LEU B 338 -0.61 23.56 -21.59
N ARG B 339 -0.50 23.72 -20.27
CA ARG B 339 -1.34 24.68 -19.55
C ARG B 339 -1.06 26.11 -20.01
N ASP B 340 -2.13 26.86 -20.23
CA ASP B 340 -2.06 28.23 -20.73
C ASP B 340 -1.93 29.27 -19.62
N ASN B 341 -2.31 28.94 -18.39
CA ASN B 341 -2.29 29.89 -17.28
C ASN B 341 -0.97 29.88 -16.51
N TYR B 342 0.08 29.28 -17.08
CA TYR B 342 1.44 29.34 -16.57
C TYR B 342 2.37 29.69 -17.72
N SER B 343 3.35 30.54 -17.44
CA SER B 343 4.31 30.92 -18.45
C SER B 343 5.27 29.76 -18.75
N PRO B 344 5.95 29.82 -19.91
CA PRO B 344 7.03 28.85 -20.14
C PRO B 344 8.17 28.97 -19.13
N GLY B 345 8.54 30.19 -18.71
CA GLY B 345 9.58 30.33 -17.69
C GLY B 345 9.19 29.66 -16.37
N TRP B 346 7.95 29.90 -15.92
CA TRP B 346 7.46 29.24 -14.73
C TRP B 346 7.57 27.73 -14.86
N LYS B 347 7.30 27.20 -16.05
CA LYS B 347 7.36 25.75 -16.24
C LYS B 347 8.81 25.25 -16.24
N PHE B 348 9.70 25.96 -16.94
CA PHE B 348 11.12 25.62 -16.92
C PHE B 348 11.58 25.46 -15.48
N ASN B 349 11.24 26.46 -14.66
CA ASN B 349 11.60 26.46 -13.24
C ASN B 349 10.92 25.32 -12.49
N HIS B 350 9.61 25.17 -12.68
CA HIS B 350 8.86 24.15 -11.95
C HIS B 350 9.47 22.78 -12.14
N TRP B 351 9.70 22.38 -13.38
CA TRP B 351 10.18 21.04 -13.65
C TRP B 351 11.67 20.87 -13.39
N GLU B 352 12.46 21.96 -13.48
CA GLU B 352 13.86 21.89 -13.06
C GLU B 352 13.95 21.60 -11.57
N LEU B 353 13.17 22.33 -10.77
CA LEU B 353 13.19 22.10 -9.33
C LEU B 353 12.80 20.67 -9.00
N LYS B 354 11.88 20.09 -9.78
CA LYS B 354 11.44 18.73 -9.53
C LYS B 354 12.37 17.71 -10.15
N GLY B 355 13.42 18.14 -10.82
CA GLY B 355 14.41 17.21 -11.29
C GLY B 355 14.03 16.37 -12.48
N VAL B 356 13.08 16.80 -13.29
CA VAL B 356 12.69 16.00 -14.47
C VAL B 356 13.89 15.81 -15.38
N PRO B 357 14.25 14.58 -15.78
CA PRO B 357 15.53 14.35 -16.48
C PRO B 357 15.70 15.13 -17.79
N ILE B 358 14.66 15.21 -18.62
CA ILE B 358 14.76 15.90 -19.89
C ILE B 358 13.60 16.86 -20.03
N ARG B 359 13.90 18.10 -20.41
CA ARG B 359 12.91 19.06 -20.84
C ARG B 359 12.94 19.12 -22.38
N LEU B 360 11.76 18.99 -22.98
CA LEU B 360 11.62 19.03 -24.43
C LEU B 360 10.88 20.31 -24.81
N GLU B 361 11.63 21.30 -25.29
CA GLU B 361 11.11 22.60 -25.72
C GLU B 361 10.67 22.55 -27.19
N VAL B 362 9.46 23.02 -27.47
CA VAL B 362 8.99 23.20 -28.85
C VAL B 362 8.40 24.60 -28.97
N GLY B 363 9.04 25.44 -29.76
CA GLY B 363 8.47 26.71 -30.12
C GLY B 363 8.05 26.68 -31.57
N PRO B 364 7.44 27.78 -32.04
CA PRO B 364 6.93 27.79 -33.43
C PRO B 364 8.02 27.65 -34.49
N ARG B 365 9.14 28.36 -34.35
CA ARG B 365 10.22 28.26 -35.34
C ARG B 365 10.81 26.84 -35.37
N ASP B 366 10.91 26.19 -34.20
CA ASP B 366 11.43 24.83 -34.16
C ASP B 366 10.47 23.85 -34.82
N MET B 367 9.17 23.97 -34.53
CA MET B 367 8.21 23.17 -35.26
C MET B 367 8.36 23.37 -36.77
N LYS B 368 8.54 24.63 -37.20
CA LYS B 368 8.71 24.88 -38.63
C LYS B 368 10.06 24.43 -39.15
N SER B 369 11.00 24.03 -38.28
CA SER B 369 12.26 23.46 -38.71
C SER B 369 12.34 21.97 -38.49
N CYS B 370 11.22 21.32 -38.16
CA CYS B 370 11.19 19.89 -37.91
C CYS B 370 12.32 19.48 -36.97
N GLN B 371 12.32 20.10 -35.80
CA GLN B 371 13.33 19.83 -34.79
C GLN B 371 12.82 20.35 -33.45
N PHE B 372 13.54 20.01 -32.40
CA PHE B 372 13.18 20.49 -31.07
C PHE B 372 14.46 20.54 -30.24
N VAL B 373 14.35 21.14 -29.06
CA VAL B 373 15.46 21.27 -28.13
C VAL B 373 15.20 20.36 -26.94
N ALA B 374 16.16 19.48 -26.66
CA ALA B 374 16.16 18.67 -25.46
C ALA B 374 17.22 19.21 -24.50
N VAL B 375 16.81 19.43 -23.25
CA VAL B 375 17.69 19.95 -22.21
C VAL B 375 17.86 18.88 -21.13
N ARG B 376 19.09 18.42 -20.94
CA ARG B 376 19.39 17.45 -19.89
C ARG B 376 19.44 18.14 -18.53
N ARG B 377 18.70 17.60 -17.56
CA ARG B 377 18.65 18.24 -16.25
C ARG B 377 20.01 18.18 -15.54
N ASP B 378 20.73 17.07 -15.69
CA ASP B 378 21.91 16.83 -14.86
C ASP B 378 23.05 17.79 -15.22
N THR B 379 23.32 17.96 -16.52
CA THR B 379 24.41 18.80 -17.00
C THR B 379 23.97 20.17 -17.49
N GLY B 380 22.68 20.34 -17.79
CA GLY B 380 22.21 21.60 -18.35
C GLY B 380 22.43 21.76 -19.84
N GLU B 381 22.98 20.73 -20.49
CA GLU B 381 23.29 20.78 -21.90
C GLU B 381 22.03 20.82 -22.76
N LYS B 382 22.01 21.72 -23.74
CA LYS B 382 20.93 21.81 -24.73
C LYS B 382 21.34 21.08 -26.00
N LEU B 383 20.42 20.26 -26.51
CA LEU B 383 20.65 19.50 -27.74
C LEU B 383 19.52 19.82 -28.71
N THR B 384 19.87 20.08 -29.96
CA THR B 384 18.87 20.16 -31.01
C THR B 384 18.75 18.80 -31.66
N VAL B 385 17.51 18.33 -31.83
CA VAL B 385 17.20 16.98 -32.27
C VAL B 385 16.21 17.06 -33.40
N ALA B 386 16.51 16.39 -34.51
CA ALA B 386 15.56 16.32 -35.61
C ALA B 386 14.30 15.61 -35.16
N GLU B 387 13.18 15.94 -35.80
CA GLU B 387 11.89 15.45 -35.33
C GLU B 387 11.81 13.93 -35.42
N ASN B 388 12.16 13.37 -36.58
CA ASN B 388 12.07 11.93 -36.82
C ASN B 388 12.97 11.09 -35.90
N GLU B 389 13.93 11.71 -35.21
CA GLU B 389 14.81 11.01 -34.29
C GLU B 389 14.35 11.06 -32.84
N ALA B 390 13.19 11.68 -32.57
CA ALA B 390 12.76 11.95 -31.20
C ALA B 390 12.82 10.70 -30.32
N GLU B 391 12.22 9.60 -30.80
CA GLU B 391 12.16 8.38 -29.99
C GLU B 391 13.55 7.84 -29.68
N THR B 392 14.41 7.74 -30.70
CA THR B 392 15.63 6.99 -30.43
C THR B 392 16.64 7.86 -29.68
N LYS B 393 16.68 9.16 -29.99
CA LYS B 393 17.62 10.05 -29.33
C LYS B 393 17.25 10.24 -27.86
N LEU B 394 15.97 10.49 -27.57
CA LEU B 394 15.58 10.77 -26.19
C LEU B 394 15.89 9.57 -25.30
N GLN B 395 15.60 8.36 -25.79
CA GLN B 395 15.93 7.18 -25.01
C GLN B 395 17.43 7.12 -24.75
N ALA B 396 18.24 7.39 -25.80
CA ALA B 396 19.68 7.44 -25.60
C ALA B 396 20.02 8.35 -24.44
N ILE B 397 19.49 9.57 -24.48
CA ILE B 397 19.87 10.55 -23.48
C ILE B 397 19.45 10.06 -22.09
N LEU B 398 18.24 9.49 -21.99
CA LEU B 398 17.78 9.00 -20.70
C LEU B 398 18.77 8.01 -20.14
N GLU B 399 19.22 7.05 -20.97
CA GLU B 399 20.19 6.07 -20.49
C GLU B 399 21.49 6.76 -20.11
N ASP B 400 21.96 7.70 -20.94
CA ASP B 400 23.20 8.40 -20.59
C ASP B 400 23.05 9.12 -19.26
N ILE B 401 21.87 9.73 -19.00
CA ILE B 401 21.67 10.42 -17.73
C ILE B 401 21.87 9.44 -16.58
N GLN B 402 21.20 8.29 -16.67
CA GLN B 402 21.32 7.33 -15.59
C GLN B 402 22.77 6.91 -15.42
N VAL B 403 23.50 6.72 -16.54
CA VAL B 403 24.89 6.31 -16.39
C VAL B 403 25.69 7.45 -15.76
N THR B 404 25.45 8.69 -16.20
CA THR B 404 26.29 9.78 -15.71
C THR B 404 26.12 9.96 -14.20
N LEU B 405 24.86 9.96 -13.72
CA LEU B 405 24.63 10.12 -12.30
C LEU B 405 25.35 9.03 -11.52
N PHE B 406 25.39 7.81 -12.05
CA PHE B 406 26.03 6.74 -11.28
C PHE B 406 27.55 6.89 -11.31
N THR B 407 28.09 7.37 -12.42
CA THR B 407 29.55 7.43 -12.54
C THR B 407 30.11 8.50 -11.61
N ARG B 408 29.54 9.70 -11.65
CA ARG B 408 29.94 10.78 -10.73
C ARG B 408 29.91 10.29 -9.28
N ALA B 409 28.75 9.78 -8.85
CA ALA B 409 28.64 9.30 -7.48
C ALA B 409 29.67 8.23 -7.19
N SER B 410 29.92 7.34 -8.16
CA SER B 410 30.89 6.28 -7.92
C SER B 410 32.27 6.89 -7.72
N GLU B 411 32.64 7.87 -8.57
CA GLU B 411 33.92 8.54 -8.39
C GLU B 411 34.00 9.13 -7.00
N ASP B 412 32.90 9.73 -6.55
CA ASP B 412 32.88 10.34 -5.23
C ASP B 412 33.23 9.31 -4.17
N LEU B 413 32.61 8.13 -4.23
CA LEU B 413 32.91 7.15 -3.19
C LEU B 413 34.35 6.69 -3.27
N LYS B 414 34.85 6.48 -4.51
CA LYS B 414 36.24 6.06 -4.66
C LYS B 414 37.17 7.13 -4.10
N THR B 415 36.74 8.39 -4.15
CA THR B 415 37.55 9.49 -3.64
C THR B 415 37.53 9.56 -2.12
N HIS B 416 36.42 9.16 -1.49
CA HIS B 416 36.24 9.45 -0.07
C HIS B 416 36.28 8.20 0.80
N MET B 417 36.57 7.04 0.24
CA MET B 417 36.75 5.82 1.01
C MET B 417 38.16 5.31 0.77
N VAL B 418 39.02 5.44 1.77
CA VAL B 418 40.42 5.06 1.68
C VAL B 418 40.77 4.20 2.88
N VAL B 419 41.93 3.56 2.82
CA VAL B 419 42.41 2.67 3.87
C VAL B 419 43.34 3.45 4.78
N ALA B 420 43.35 3.09 6.06
CA ALA B 420 44.36 3.53 7.02
C ALA B 420 44.55 2.44 8.06
N ASN B 421 45.78 2.34 8.58
CA ASN B 421 46.13 1.27 9.51
C ASN B 421 46.57 1.78 10.87
N THR B 422 46.51 3.08 11.12
CA THR B 422 46.82 3.64 12.41
C THR B 422 45.67 4.52 12.89
N MET B 423 45.71 4.89 14.15
CA MET B 423 44.73 5.82 14.70
C MET B 423 45.02 7.26 14.30
N GLU B 424 46.31 7.60 14.16
CA GLU B 424 46.71 8.94 13.74
C GLU B 424 46.12 9.29 12.38
N ASP B 425 46.44 8.47 11.36
CA ASP B 425 45.92 8.74 10.03
C ASP B 425 44.43 8.45 9.95
N PHE B 426 43.90 7.53 10.74
CA PHE B 426 42.46 7.38 10.82
C PHE B 426 41.80 8.70 11.18
N GLN B 427 42.33 9.39 12.20
CA GLN B 427 41.73 10.66 12.64
C GLN B 427 41.92 11.76 11.60
N LYS B 428 43.11 11.82 10.98
CA LYS B 428 43.32 12.84 9.95
C LYS B 428 42.35 12.64 8.78
N ILE B 429 42.32 11.43 8.22
CA ILE B 429 41.45 11.13 7.08
C ILE B 429 39.98 11.22 7.46
N LEU B 430 39.66 11.05 8.74
CA LEU B 430 38.26 11.15 9.15
C LEU B 430 37.81 12.61 9.23
N ASP B 431 38.61 13.49 9.83
CA ASP B 431 38.25 14.90 9.79
C ASP B 431 38.51 15.52 8.43
N SER B 432 39.09 14.74 7.52
CA SER B 432 39.08 15.04 6.10
C SER B 432 37.67 14.99 5.49
N GLY B 433 36.66 14.55 6.24
CA GLY B 433 35.35 14.35 5.68
C GLY B 433 35.24 13.10 4.81
N LYS B 434 35.84 12.00 5.27
CA LYS B 434 35.87 10.75 4.52
C LYS B 434 35.57 9.60 5.47
N ILE B 435 35.41 8.41 4.88
CA ILE B 435 35.20 7.18 5.63
C ILE B 435 36.40 6.28 5.37
N VAL B 436 36.79 5.53 6.40
CA VAL B 436 38.09 4.86 6.43
C VAL B 436 37.88 3.39 6.77
N GLN B 437 38.50 2.53 5.98
CA GLN B 437 38.67 1.12 6.35
C GLN B 437 39.95 0.96 7.16
N ILE B 438 39.82 0.37 8.34
CA ILE B 438 40.90 0.26 9.31
C ILE B 438 40.95 -1.17 9.86
N PRO B 439 42.13 -1.69 10.22
CA PRO B 439 42.19 -3.04 10.81
C PRO B 439 41.59 -3.04 12.21
N PHE B 440 40.67 -3.97 12.47
CA PHE B 440 39.81 -3.91 13.64
C PHE B 440 39.76 -5.24 14.38
N CYS B 441 39.72 -5.14 15.73
CA CYS B 441 39.64 -6.31 16.59
C CYS B 441 38.22 -6.84 16.78
N GLY B 442 37.20 -6.07 16.42
CA GLY B 442 35.83 -6.52 16.56
C GLY B 442 35.26 -6.46 17.96
N GLU B 443 36.04 -6.05 18.96
CA GLU B 443 35.56 -6.02 20.33
C GLU B 443 34.74 -4.76 20.58
N ILE B 444 33.72 -4.89 21.43
CA ILE B 444 32.79 -3.78 21.66
C ILE B 444 33.46 -2.66 22.45
N ASP B 445 34.25 -3.01 23.47
CA ASP B 445 34.95 -2.00 24.27
C ASP B 445 35.83 -1.12 23.38
N CYS B 446 36.55 -1.73 22.43
CA CYS B 446 37.40 -0.96 21.54
C CYS B 446 36.59 -0.09 20.59
N GLU B 447 35.37 -0.51 20.22
CA GLU B 447 34.55 0.33 19.34
C GLU B 447 34.00 1.54 20.08
N ASP B 448 33.56 1.33 21.34
CA ASP B 448 33.30 2.46 22.23
C ASP B 448 34.50 3.39 22.29
N TRP B 449 35.70 2.82 22.38
CA TRP B 449 36.90 3.64 22.51
C TRP B 449 37.17 4.47 21.25
N ILE B 450 37.04 3.84 20.08
CA ILE B 450 37.23 4.58 18.84
C ILE B 450 36.24 5.74 18.76
N LYS B 451 34.99 5.51 19.17
CA LYS B 451 34.02 6.61 19.15
C LYS B 451 34.40 7.72 20.11
N LYS B 452 34.84 7.38 21.33
CA LYS B 452 35.23 8.41 22.30
C LYS B 452 36.41 9.22 21.80
N THR B 453 37.39 8.57 21.15
CA THR B 453 38.59 9.26 20.72
C THR B 453 38.34 10.15 19.50
N THR B 454 37.55 9.65 18.54
CA THR B 454 37.40 10.36 17.26
C THR B 454 36.66 11.68 17.37
N ALA B 455 36.02 11.97 18.50
CA ALA B 455 35.26 13.22 18.66
C ALA B 455 36.17 14.40 19.02
N MET B 467 31.88 14.99 16.80
CA MET B 467 31.12 13.75 16.60
C MET B 467 32.05 12.53 16.39
N GLY B 468 31.92 11.54 17.26
CA GLY B 468 32.73 10.35 17.11
C GLY B 468 32.33 9.52 15.90
N ALA B 469 33.32 8.87 15.30
CA ALA B 469 33.04 7.92 14.23
C ALA B 469 32.51 6.62 14.81
N LYS B 470 31.65 5.96 14.04
CA LYS B 470 31.11 4.67 14.44
C LYS B 470 31.42 3.66 13.35
N SER B 471 31.20 2.42 13.65
CA SER B 471 31.42 1.44 12.65
C SER B 471 30.25 1.47 11.71
N LEU B 472 30.47 1.12 10.49
CA LEU B 472 29.43 1.14 9.46
C LEU B 472 29.17 -0.29 8.99
N CYS B 473 30.14 -0.92 8.34
CA CYS B 473 30.05 -2.30 7.90
C CYS B 473 31.45 -2.88 7.92
N ILE B 474 31.51 -4.21 8.00
CA ILE B 474 32.71 -4.95 7.65
C ILE B 474 32.55 -5.35 6.18
N PRO B 475 33.28 -4.73 5.26
CA PRO B 475 32.99 -4.92 3.83
C PRO B 475 33.16 -6.36 3.40
N PHE B 476 32.19 -6.84 2.61
CA PHE B 476 32.32 -8.13 1.94
C PHE B 476 33.62 -8.20 1.16
N LYS B 477 33.96 -7.12 0.45
CA LYS B 477 35.14 -7.07 -0.41
C LYS B 477 35.96 -5.87 0.04
N PRO B 478 36.87 -6.03 1.01
CA PRO B 478 37.65 -4.90 1.50
C PRO B 478 38.64 -4.43 0.44
N LEU B 479 39.14 -3.21 0.62
CA LEU B 479 40.07 -2.65 -0.36
C LEU B 479 41.42 -3.35 -0.32
N CYS B 480 41.89 -3.76 0.86
CA CYS B 480 43.14 -4.51 0.96
C CYS B 480 42.93 -5.79 1.76
N GLU B 481 43.71 -6.81 1.41
CA GLU B 481 43.81 -7.99 2.24
C GLU B 481 44.51 -7.65 3.54
N LEU B 482 43.94 -8.09 4.66
CA LEU B 482 44.55 -7.84 5.96
C LEU B 482 45.86 -8.63 6.04
N GLN B 483 46.97 -7.92 6.24
CA GLN B 483 48.26 -8.58 6.15
C GLN B 483 48.55 -9.37 7.42
N PRO B 484 49.00 -10.64 7.29
CA PRO B 484 49.01 -11.58 8.43
C PRO B 484 49.48 -11.01 9.77
N GLY B 485 48.59 -11.07 10.76
CA GLY B 485 48.94 -10.67 12.11
C GLY B 485 48.93 -9.18 12.37
N ALA B 486 48.06 -8.47 11.69
CA ALA B 486 47.98 -7.06 11.90
C ALA B 486 47.25 -6.85 13.17
N LYS B 487 47.56 -5.74 13.78
CA LYS B 487 46.93 -5.46 15.02
C LYS B 487 45.94 -4.36 14.79
N CYS B 488 44.93 -4.32 15.64
CA CYS B 488 43.92 -3.34 15.55
C CYS B 488 44.39 -1.99 15.97
N VAL B 489 43.67 -0.99 15.55
CA VAL B 489 44.09 0.36 15.87
C VAL B 489 44.13 0.68 17.36
N CYS B 490 43.38 -0.01 18.21
CA CYS B 490 43.46 0.17 19.64
C CYS B 490 44.88 -0.17 20.12
N GLY B 491 45.48 -1.20 19.57
CA GLY B 491 46.84 -1.60 19.81
C GLY B 491 47.01 -2.82 20.65
N LYS B 492 46.07 -3.02 21.54
CA LYS B 492 46.10 -4.13 22.43
C LYS B 492 45.97 -5.46 21.73
N ASN B 493 45.10 -5.51 20.77
CA ASN B 493 44.81 -6.77 20.13
C ASN B 493 45.05 -6.82 18.67
N PRO B 494 45.14 -8.02 18.15
CA PRO B 494 45.33 -8.31 16.74
C PRO B 494 44.05 -8.06 16.04
N ALA B 495 44.11 -7.58 14.82
CA ALA B 495 42.94 -7.28 14.06
C ALA B 495 42.32 -8.53 13.55
N LYS B 496 41.03 -8.50 13.30
CA LYS B 496 40.32 -9.65 12.76
C LYS B 496 39.77 -9.43 11.35
N TYR B 497 39.55 -8.17 10.96
CA TYR B 497 39.06 -7.82 9.63
C TYR B 497 39.20 -6.33 9.44
N TYR B 498 39.35 -5.92 8.18
CA TYR B 498 39.19 -4.51 7.85
C TYR B 498 37.73 -4.13 8.05
N THR B 499 37.51 -2.94 8.61
CA THR B 499 36.18 -2.48 8.98
C THR B 499 36.01 -1.03 8.54
N LEU B 500 34.88 -0.75 7.88
CA LEU B 500 34.57 0.61 7.45
C LEU B 500 34.08 1.42 8.65
N PHE B 501 34.69 2.60 8.84
CA PHE B 501 34.34 3.51 9.93
C PHE B 501 34.09 4.91 9.34
N GLY B 502 33.29 5.70 10.06
CA GLY B 502 33.03 7.06 9.63
C GLY B 502 31.95 7.69 10.50
N ARG B 503 31.80 9.00 10.33
CA ARG B 503 30.67 9.70 10.93
C ARG B 503 29.40 9.33 10.19
N SER B 504 28.29 9.23 10.92
CA SER B 504 27.13 8.57 10.32
C SER B 504 25.83 9.22 10.72
N TYR B 505 24.87 9.19 9.78
CA TYR B 505 23.51 9.71 9.94
C TYR B 505 22.64 8.86 10.87
C4 1XK C . -16.54 0.65 9.09
C 1XK C . -13.98 -2.56 8.07
N 1XK C . -14.98 -1.07 9.69
N1 1XK C . -15.07 -0.21 12.29
C3 1XK C . -16.33 0.39 7.75
C2 1XK C . -15.46 -0.64 7.39
C1 1XK C . -14.82 -1.36 8.39
O 1XK C . -16.90 1.02 11.83
C10 1XK C . -15.58 -2.87 15.91
C11 1XK C . -16.92 -3.11 15.85
C12 1XK C . -17.72 -2.24 15.11
C13 1XK C . -17.12 -1.16 14.45
C14 1XK C . -19.20 -2.41 15.07
C15 1XK C . -20.19 -1.55 14.57
C16 1XK C . -22.36 -3.95 15.90
C17 1XK C . -19.91 -3.45 15.63
C18 1XK C . -17.47 2.54 7.30
C19 1XK C . -17.16 3.51 6.18
C20 1XK C . -17.18 2.63 4.92
C21 1XK C . -18.56 2.59 4.29
C22 1XK C . -16.11 3.04 3.96
C23 1XK C . -14.99 3.92 4.43
C24 1XK C . -16.07 4.47 3.56
C25 1XK C . -16.74 1.28 5.46
C5 1XK C . -15.84 -0.09 10.02
C6 1XK C . -16.00 0.27 11.47
C7 1XK C . -15.10 0.12 13.70
C8 1XK C . -15.75 -0.97 14.50
C9 1XK C . -14.96 -1.84 15.25
F 1XK C . -14.80 -3.67 16.69
N2 1XK C . -21.41 -2.01 14.80
N3 1XK C . -21.22 -3.17 15.45
N4 1XK C . -16.92 1.27 6.80
O1 1XK C . -18.50 1.79 3.14
O2 1XK C . -16.27 0.37 4.80
ZN ZN D . -42.07 10.13 8.01
CA CA E . -41.12 17.67 10.97
CA CA F . -18.96 7.50 15.78
CA CA G . -23.73 10.64 14.93
CA CA H . -1.33 -15.43 -2.96
CA CA I . -24.34 3.94 9.11
CA CA J . -43.54 -16.24 12.38
CL CL K . -15.79 -26.37 8.97
CL CL L . -34.89 -15.93 2.57
CA CA M . 3.45 12.64 -9.65
CL CL N . 6.66 14.39 21.75
N PRO O . -13.28 9.96 4.91
CA PRO O . -14.60 9.54 4.44
C PRO O . -15.21 8.49 5.38
O PRO O . -16.27 7.96 5.08
CB PRO O . -14.31 8.92 3.07
CG PRO O . -12.86 8.56 3.13
CD PRO O . -12.24 9.64 3.94
OXT PRO O . -14.66 8.15 6.43
C4 1XK P . 15.41 4.51 10.75
C 1XK P . 13.18 6.76 7.94
N 1XK P . 13.93 6.31 10.20
N1 1XK P . 13.58 6.83 12.88
C3 1XK P . 15.44 4.11 9.42
C2 1XK P . 14.74 4.85 8.49
C1 1XK P . 13.99 5.95 8.91
O 1XK P . 15.32 5.49 13.37
C10 1XK P . 13.62 10.92 14.80
C11 1XK P . 14.97 11.14 14.88
C12 1XK P . 15.82 10.04 14.85
C13 1XK P . 15.29 8.76 14.77
C14 1XK P . 17.28 10.22 14.97
C15 1XK P . 18.28 9.28 15.20
C16 1XK P . 20.40 12.05 14.93
C17 1XK P . 17.96 11.42 14.91
C18 1XK P . 16.73 2.12 10.17
C19 1XK P . 16.82 0.72 9.60
C20 1XK P . 16.86 0.93 8.07
C21 1XK P . 18.31 0.94 7.58
C22 1XK P . 15.87 0.02 7.36
C23 1XK P . 14.81 -0.65 8.19
C24 1XK P . 15.88 -1.46 7.53
C25 1XK P . 16.24 2.30 7.89
C5 1XK P . 14.63 5.60 11.10
C6 1XK P . 14.55 5.99 12.55
C7 1XK P . 13.37 7.20 14.28
C8 1XK P . 13.92 8.56 14.61
C9 1XK P . 13.08 9.67 14.65
F 1XK P . 12.79 11.96 14.95
N2 1XK P . 19.49 9.82 15.23
N3 1XK P . 19.27 11.14 15.04
N4 1XK P . 16.08 2.88 9.10
O1 1XK P . 18.55 -0.13 6.67
O2 1XK P . 15.95 2.81 6.82
ZN ZN Q . 40.58 -3.03 18.79
CA CA R . 17.22 1.95 20.84
CA CA S . 16.46 -30.60 20.31
CA CA T . 15.72 -32.87 22.89
N PRO U . 12.78 -5.75 11.15
CA PRO U . 14.15 -5.50 10.72
C PRO U . 14.60 -4.07 11.07
O PRO U . 13.81 -3.26 11.59
CB PRO U . 14.08 -5.67 9.21
CG PRO U . 12.66 -5.26 8.89
CD PRO U . 11.87 -5.89 10.01
OXT PRO U . 15.76 -3.70 10.86
#